data_8B62
#
_entry.id   8B62
#
_cell.length_a   41.980
_cell.length_b   109.750
_cell.length_c   94.620
_cell.angle_alpha   90.00
_cell.angle_beta   90.01
_cell.angle_gamma   90.00
#
_symmetry.space_group_name_H-M   'P 1 21 1'
#
loop_
_entity.id
_entity.type
_entity.pdbx_description
1 polymer 'UDP-glucose:(Heptosyl) LPS alpha 1,3-glucosyltransferase WaaG'
2 non-polymer "GALACTOSE-URIDINE-5'-DIPHOSPHATE"
3 non-polymer GLYCEROL
4 water water
#
_entity_poly.entity_id   1
_entity_poly.type   'polypeptide(L)'
_entity_poly.pdbx_seq_one_letter_code
;MATLAFILYKYFPFGGLQRDFMRIALECQRRGHDIRVYTLIWEGDVPDGFEVLVAPVRSIFNHRRNEKFTAWVRADLDRR
PVQRVIGFNKMPGLDVYYAADACFEEKAQTLRNPLYRQWGRYRHFAGYERAVFDPASKTEILMISEVQQPLFVKHYGTQA
ERFHLLPPGISQDRRAPANAADVRAEFRREFGLEEDDLLLVQIGSGFKTKGLDRSLKALSALPKALRRRTRLIAIGQDDP
KPFLLQIAALGLNDQVQILKGRSDIPRFLLGADLLIHPAYNENTGTVLLEALVSGLPVLVTDVCGYAHYIAEADAGRVLP
SPFEQDSLNRLLAEMLEDAPARAAWSRNGLAYADHADLYSMPQRAADLILG
;
_entity_poly.pdbx_strand_id   A,B
#
loop_
_chem_comp.id
_chem_comp.type
_chem_comp.name
_chem_comp.formula
GDU non-polymer GALACTOSE-URIDINE-5'-DIPHOSPHATE 'C15 H24 N2 O17 P2'
GOL non-polymer GLYCEROL 'C3 H8 O3'
#
# COMPACT_ATOMS: atom_id res chain seq x y z
N MET A 1 14.07 8.21 -16.41
CA MET A 1 13.56 7.45 -15.24
C MET A 1 12.27 8.14 -14.78
N ALA A 2 11.42 7.42 -14.05
CA ALA A 2 10.21 8.01 -13.48
C ALA A 2 10.37 8.17 -11.97
N THR A 3 11.57 7.89 -11.45
CA THR A 3 11.81 7.89 -10.01
C THR A 3 11.54 9.29 -9.47
N LEU A 4 10.81 9.34 -8.37
CA LEU A 4 10.72 10.57 -7.59
C LEU A 4 11.51 10.36 -6.31
N ALA A 5 12.39 11.33 -6.00
CA ALA A 5 13.09 11.35 -4.74
C ALA A 5 12.33 12.25 -3.78
N PHE A 6 11.95 11.67 -2.65
CA PHE A 6 11.33 12.35 -1.53
C PHE A 6 12.36 12.49 -0.41
N ILE A 7 12.48 13.70 0.15
CA ILE A 7 13.47 13.97 1.18
C ILE A 7 12.78 14.49 2.43
N LEU A 8 13.01 13.79 3.56
CA LEU A 8 12.60 14.29 4.87
C LEU A 8 13.60 13.84 5.92
N TYR A 9 13.82 14.70 6.91
CA TYR A 9 14.81 14.40 7.94
C TYR A 9 14.41 13.17 8.75
N LYS A 10 13.11 12.99 9.04
CA LYS A 10 12.65 11.89 9.88
C LYS A 10 11.30 11.36 9.41
N TYR A 11 11.25 10.04 9.15
CA TYR A 11 9.97 9.40 8.95
C TYR A 11 9.61 8.63 10.24
N PHE A 12 8.39 8.87 10.70
CA PHE A 12 7.77 8.03 11.71
C PHE A 12 6.28 8.17 11.50
N PRO A 13 5.44 7.20 11.88
CA PRO A 13 4.02 7.22 11.49
C PRO A 13 3.10 8.23 12.18
N PHE A 14 3.54 8.84 13.30
CA PHE A 14 2.67 9.59 14.21
C PHE A 14 2.95 11.09 14.13
N GLY A 15 3.33 11.57 12.93
CA GLY A 15 3.54 12.99 12.72
C GLY A 15 2.78 13.47 11.49
N GLY A 16 2.41 14.76 11.49
CA GLY A 16 1.67 15.38 10.40
C GLY A 16 2.48 15.48 9.11
N LEU A 17 3.72 15.99 9.22
CA LEU A 17 4.62 16.08 8.08
C LEU A 17 4.81 14.71 7.42
N GLN A 18 5.00 13.70 8.27
CA GLN A 18 5.30 12.34 7.87
C GLN A 18 4.09 11.69 7.20
N ARG A 19 2.88 11.91 7.74
CA ARG A 19 1.69 11.33 7.17
C ARG A 19 1.36 12.02 5.83
N ASP A 20 1.66 13.33 5.73
CA ASP A 20 1.36 14.06 4.51
C ASP A 20 2.27 13.55 3.40
N PHE A 21 3.57 13.46 3.70
CA PHE A 21 4.56 12.83 2.84
C PHE A 21 4.05 11.48 2.33
N MET A 22 3.64 10.61 3.25
CA MET A 22 3.27 9.26 2.89
C MET A 22 2.11 9.27 1.88
N ARG A 23 1.10 10.11 2.15
CA ARG A 23 -0.07 10.18 1.28
C ARG A 23 0.28 10.73 -0.09
N ILE A 24 1.22 11.68 -0.16
CA ILE A 24 1.60 12.23 -1.43
C ILE A 24 2.40 11.19 -2.21
N ALA A 25 3.32 10.51 -1.50
CA ALA A 25 4.19 9.54 -2.13
C ALA A 25 3.36 8.39 -2.71
N LEU A 26 2.39 7.90 -1.93
CA LEU A 26 1.56 6.80 -2.39
C LEU A 26 0.74 7.21 -3.60
N GLU A 27 0.25 8.47 -3.65
CA GLU A 27 -0.53 8.95 -4.78
C GLU A 27 0.36 9.02 -6.02
N CYS A 28 1.57 9.56 -5.85
CA CYS A 28 2.50 9.64 -6.99
C CYS A 28 2.86 8.22 -7.46
N GLN A 29 3.01 7.27 -6.52
CA GLN A 29 3.33 5.90 -6.88
C GLN A 29 2.21 5.30 -7.73
N ARG A 30 0.95 5.45 -7.30
CA ARG A 30 -0.19 4.95 -8.07
C ARG A 30 -0.22 5.53 -9.48
N ARG A 31 0.40 6.70 -9.70
CA ARG A 31 0.45 7.32 -11.01
C ARG A 31 1.64 6.87 -11.85
N GLY A 32 2.28 5.77 -11.45
CA GLY A 32 3.32 5.14 -12.24
C GLY A 32 4.75 5.59 -11.93
N HIS A 33 5.02 6.03 -10.72
CA HIS A 33 6.34 6.53 -10.35
C HIS A 33 6.90 5.66 -9.21
N ASP A 34 8.15 5.21 -9.36
CA ASP A 34 8.80 4.51 -8.27
C ASP A 34 9.31 5.57 -7.28
N ILE A 35 9.39 5.18 -6.02
CA ILE A 35 9.60 6.13 -4.94
C ILE A 35 10.95 5.82 -4.29
N ARG A 36 11.77 6.85 -4.24
CA ARG A 36 12.99 6.80 -3.47
C ARG A 36 12.89 7.82 -2.33
N VAL A 37 13.27 7.41 -1.12
CA VAL A 37 13.23 8.29 0.05
C VAL A 37 14.63 8.46 0.63
N TYR A 38 15.02 9.73 0.87
CA TYR A 38 16.25 10.01 1.61
C TYR A 38 15.88 10.57 2.98
N THR A 39 16.39 9.97 4.05
CA THR A 39 16.04 10.37 5.40
C THR A 39 17.18 10.08 6.38
N LEU A 40 17.13 10.69 7.57
CA LEU A 40 18.03 10.34 8.66
C LEU A 40 17.50 9.15 9.45
N ILE A 41 16.18 8.93 9.48
CA ILE A 41 15.62 7.84 10.27
C ILE A 41 14.26 7.49 9.68
N TRP A 42 14.00 6.18 9.63
CA TRP A 42 12.73 5.66 9.21
C TRP A 42 12.25 4.69 10.29
N GLU A 43 11.17 5.06 10.99
CA GLU A 43 10.51 4.21 11.95
C GLU A 43 9.19 3.72 11.37
N GLY A 44 8.94 2.40 11.49
CA GLY A 44 7.68 1.79 11.10
C GLY A 44 7.75 1.17 9.71
N ASP A 45 6.59 0.71 9.27
CA ASP A 45 6.47 -0.05 8.03
C ASP A 45 7.05 0.76 6.86
N VAL A 46 7.73 0.04 5.95
CA VAL A 46 8.10 0.55 4.63
C VAL A 46 7.12 0.02 3.59
N PRO A 47 6.38 0.90 2.90
CA PRO A 47 5.43 0.46 1.88
C PRO A 47 6.14 -0.26 0.73
N ASP A 48 5.43 -1.22 0.12
CA ASP A 48 5.95 -1.90 -1.05
C ASP A 48 6.40 -0.87 -2.09
N GLY A 49 7.56 -1.16 -2.70
CA GLY A 49 8.06 -0.35 -3.78
C GLY A 49 8.84 0.88 -3.34
N PHE A 50 8.86 1.24 -2.05
CA PHE A 50 9.64 2.40 -1.60
C PHE A 50 11.10 1.97 -1.37
N GLU A 51 12.02 2.70 -2.01
CA GLU A 51 13.44 2.53 -1.81
C GLU A 51 13.89 3.56 -0.78
N VAL A 52 14.07 3.11 0.46
CA VAL A 52 14.35 4.02 1.57
C VAL A 52 15.85 3.98 1.88
N LEU A 53 16.48 5.16 1.76
CA LEU A 53 17.89 5.32 2.07
C LEU A 53 18.08 6.15 3.36
N VAL A 54 18.63 5.53 4.39
CA VAL A 54 18.92 6.14 5.67
C VAL A 54 20.39 6.58 5.64
N ALA A 55 20.64 7.89 5.79
CA ALA A 55 21.98 8.45 5.66
C ALA A 55 22.92 7.95 6.76
N PRO A 56 24.17 7.54 6.44
CA PRO A 56 25.10 7.15 7.48
C PRO A 56 25.88 8.34 8.05
N VAL A 57 25.36 9.56 7.90
CA VAL A 57 26.08 10.73 8.40
C VAL A 57 25.89 10.88 9.91
N ARG A 58 26.91 11.48 10.55
CA ARG A 58 26.90 11.71 11.98
C ARG A 58 27.52 13.09 12.25
N SER A 59 27.02 13.74 13.29
CA SER A 59 27.56 14.99 13.79
C SER A 59 26.99 15.23 15.17
N ILE A 60 27.75 15.92 16.01
CA ILE A 60 27.24 16.23 17.33
C ILE A 60 26.09 17.24 17.22
N PHE A 61 26.18 18.23 16.31
CA PHE A 61 25.16 19.25 16.17
C PHE A 61 24.21 18.87 15.02
N ASN A 62 22.91 18.95 15.31
CA ASN A 62 21.88 18.61 14.33
C ASN A 62 22.04 19.42 13.03
N HIS A 63 22.35 20.72 13.15
CA HIS A 63 22.46 21.56 11.96
C HIS A 63 23.59 21.08 11.06
N ARG A 64 24.70 20.58 11.66
CA ARG A 64 25.83 20.09 10.89
C ARG A 64 25.52 18.73 10.27
N ARG A 65 24.84 17.88 11.04
N ARG A 65 24.87 17.85 11.03
CA ARG A 65 24.33 16.60 10.58
CA ARG A 65 24.35 16.60 10.51
C ARG A 65 23.42 16.78 9.35
C ARG A 65 23.53 16.86 9.24
N ASN A 66 22.64 17.87 9.32
CA ASN A 66 21.75 18.21 8.20
C ASN A 66 22.53 18.63 6.96
N GLU A 67 23.61 19.41 7.12
CA GLU A 67 24.46 19.77 6.00
C GLU A 67 25.16 18.53 5.41
N LYS A 68 25.67 17.65 6.28
CA LYS A 68 26.29 16.39 5.84
C LYS A 68 25.26 15.55 5.10
N PHE A 69 24.01 15.55 5.59
CA PHE A 69 22.92 14.86 4.92
C PHE A 69 22.75 15.35 3.48
N THR A 70 22.68 16.68 3.30
CA THR A 70 22.53 17.28 1.98
C THR A 70 23.67 16.85 1.05
N ALA A 71 24.92 16.88 1.51
CA ALA A 71 26.04 16.42 0.65
C ALA A 71 25.90 14.94 0.30
N TRP A 72 25.53 14.12 1.28
CA TRP A 72 25.32 12.70 1.05
C TRP A 72 24.26 12.45 -0.02
N VAL A 73 23.10 13.10 0.12
CA VAL A 73 22.01 12.97 -0.83
C VAL A 73 22.44 13.47 -2.22
N ARG A 74 23.08 14.65 -2.30
CA ARG A 74 23.39 15.18 -3.63
C ARG A 74 24.41 14.28 -4.34
N ALA A 75 25.34 13.63 -3.63
CA ALA A 75 26.29 12.70 -4.24
C ALA A 75 25.57 11.44 -4.76
N ASP A 76 24.57 10.93 -4.01
CA ASP A 76 23.77 9.81 -4.49
C ASP A 76 22.99 10.21 -5.75
N LEU A 77 22.35 11.38 -5.74
CA LEU A 77 21.56 11.82 -6.87
C LEU A 77 22.41 12.06 -8.13
N ASP A 78 23.65 12.52 -7.95
CA ASP A 78 24.53 12.77 -9.07
C ASP A 78 24.82 11.46 -9.80
N ARG A 79 25.02 10.40 -9.02
CA ARG A 79 25.28 9.07 -9.52
C ARG A 79 24.00 8.38 -10.01
N ARG A 80 22.85 8.68 -9.41
CA ARG A 80 21.60 7.98 -9.73
C ARG A 80 20.46 9.00 -9.87
N PRO A 81 20.37 9.67 -11.03
CA PRO A 81 19.40 10.75 -11.23
C PRO A 81 17.95 10.32 -11.14
N VAL A 82 17.09 11.32 -10.91
CA VAL A 82 15.66 11.10 -10.72
C VAL A 82 14.90 12.08 -11.59
N GLN A 83 13.58 11.88 -11.72
CA GLN A 83 12.76 12.81 -12.47
C GLN A 83 12.58 14.12 -11.68
N ARG A 84 12.34 14.03 -10.37
CA ARG A 84 12.01 15.23 -9.61
C ARG A 84 12.36 15.02 -8.15
N VAL A 85 12.76 16.10 -7.46
CA VAL A 85 13.13 16.02 -6.06
C VAL A 85 12.12 16.83 -5.25
N ILE A 86 11.49 16.15 -4.26
CA ILE A 86 10.46 16.75 -3.42
C ILE A 86 10.91 16.64 -1.96
N GLY A 87 11.11 17.81 -1.33
CA GLY A 87 11.52 17.88 0.06
C GLY A 87 10.38 18.33 0.98
N PHE A 88 10.41 17.78 2.20
CA PHE A 88 9.44 18.10 3.25
C PHE A 88 10.13 18.85 4.37
N ASN A 89 11.41 19.16 4.17
CA ASN A 89 12.17 20.00 5.07
C ASN A 89 12.98 20.92 4.17
N LYS A 90 13.29 22.11 4.70
CA LYS A 90 13.95 23.15 3.90
C LYS A 90 15.44 22.86 3.74
N MET A 91 15.87 22.85 2.47
CA MET A 91 17.25 22.59 2.15
C MET A 91 17.52 22.97 0.70
N PRO A 92 18.81 23.04 0.28
CA PRO A 92 19.15 23.27 -1.12
C PRO A 92 18.78 22.08 -2.01
N GLY A 93 18.63 22.33 -3.32
CA GLY A 93 18.49 21.28 -4.32
C GLY A 93 17.09 20.67 -4.43
N LEU A 94 16.03 21.33 -3.93
CA LEU A 94 14.66 20.83 -4.10
C LEU A 94 14.03 21.43 -5.37
N ASP A 95 13.33 20.59 -6.14
CA ASP A 95 12.47 21.09 -7.20
C ASP A 95 11.14 21.58 -6.62
N VAL A 96 10.66 20.86 -5.60
CA VAL A 96 9.42 21.16 -4.92
C VAL A 96 9.65 21.08 -3.40
N TYR A 97 9.16 22.09 -2.64
CA TYR A 97 9.19 22.07 -1.18
C TYR A 97 7.75 22.13 -0.67
N TYR A 98 7.41 21.16 0.19
CA TYR A 98 6.13 21.11 0.88
C TYR A 98 6.27 21.74 2.27
N ALA A 99 5.58 22.87 2.48
CA ALA A 99 5.83 23.74 3.63
C ALA A 99 5.09 23.23 4.84
N ALA A 100 5.64 22.16 5.42
CA ALA A 100 5.11 21.56 6.64
C ALA A 100 5.51 22.39 7.87
N ASP A 101 6.52 23.26 7.71
CA ASP A 101 6.95 24.18 8.76
C ASP A 101 6.52 25.60 8.44
N ALA A 102 6.37 26.38 9.50
CA ALA A 102 6.16 27.80 9.40
C ALA A 102 7.49 28.50 9.01
N CYS A 103 7.38 29.78 8.66
CA CYS A 103 8.54 30.61 8.34
C CYS A 103 9.45 30.73 9.57
N PHE A 104 10.71 30.27 9.39
CA PHE A 104 11.71 30.27 10.44
C PHE A 104 12.17 31.68 10.76
N GLU A 105 12.50 32.48 9.74
CA GLU A 105 13.00 33.83 9.96
C GLU A 105 12.00 34.62 10.82
N GLU A 106 10.70 34.45 10.57
CA GLU A 106 9.68 35.15 11.35
C GLU A 106 9.77 34.74 12.82
N LYS A 107 9.89 33.43 13.05
CA LYS A 107 10.04 32.88 14.40
C LYS A 107 11.30 33.42 15.09
N ALA A 108 12.40 33.56 14.33
CA ALA A 108 13.66 33.99 14.91
C ALA A 108 13.59 35.46 15.35
N GLN A 109 12.71 36.24 14.74
CA GLN A 109 12.63 37.66 15.03
C GLN A 109 11.69 37.96 16.22
N THR A 110 11.07 36.93 16.82
CA THR A 110 10.45 37.04 18.14
C THR A 110 11.07 38.20 18.94
N TRP A 119 23.91 30.85 17.50
CA TRP A 119 24.44 31.52 16.28
C TRP A 119 24.70 30.57 15.08
N GLY A 120 25.41 29.46 15.27
CA GLY A 120 25.63 28.52 14.17
C GLY A 120 24.31 27.91 13.69
N ARG A 121 23.46 27.56 14.66
CA ARG A 121 22.13 26.99 14.43
C ARG A 121 21.27 27.96 13.60
N TYR A 122 21.17 29.21 14.06
CA TYR A 122 20.43 30.25 13.35
C TYR A 122 20.92 30.40 11.90
N ARG A 123 22.23 30.53 11.70
CA ARG A 123 22.75 30.73 10.35
C ARG A 123 22.42 29.55 9.43
N HIS A 124 22.48 28.32 9.96
CA HIS A 124 22.19 27.14 9.15
C HIS A 124 20.72 27.14 8.71
N PHE A 125 19.81 27.31 9.68
CA PHE A 125 18.39 27.19 9.41
C PHE A 125 17.88 28.36 8.53
N ALA A 126 18.43 29.57 8.72
CA ALA A 126 18.10 30.72 7.89
C ALA A 126 18.61 30.53 6.46
N GLY A 127 19.86 30.04 6.33
CA GLY A 127 20.44 29.71 5.03
C GLY A 127 19.70 28.61 4.27
N TYR A 128 19.26 27.57 4.96
CA TYR A 128 18.49 26.50 4.33
C TYR A 128 17.09 26.99 3.91
N GLU A 129 16.46 27.87 4.70
CA GLU A 129 15.19 28.45 4.31
C GLU A 129 15.39 29.36 3.09
N ARG A 130 16.45 30.18 3.10
CA ARG A 130 16.78 31.02 1.98
C ARG A 130 17.04 30.17 0.73
N ALA A 131 17.63 28.97 0.86
CA ALA A 131 17.94 28.13 -0.29
C ALA A 131 16.64 27.76 -1.02
N VAL A 132 15.53 27.64 -0.28
CA VAL A 132 14.25 27.37 -0.92
C VAL A 132 13.63 28.68 -1.45
N PHE A 133 13.60 29.72 -0.60
CA PHE A 133 12.71 30.85 -0.80
C PHE A 133 13.34 32.05 -1.53
N ASP A 134 14.67 32.10 -1.63
CA ASP A 134 15.33 33.17 -2.35
C ASP A 134 14.75 33.34 -3.75
N PRO A 135 14.58 34.58 -4.31
CA PRO A 135 14.09 34.75 -5.67
C PRO A 135 14.90 34.08 -6.80
N ALA A 136 16.17 33.72 -6.56
CA ALA A 136 16.99 33.04 -7.56
C ALA A 136 16.81 31.52 -7.45
N SER A 137 16.12 31.04 -6.41
CA SER A 137 15.82 29.63 -6.35
C SER A 137 14.70 29.30 -7.35
N LYS A 138 14.71 28.06 -7.85
CA LYS A 138 13.66 27.57 -8.74
C LYS A 138 12.62 26.73 -7.98
N THR A 139 12.81 26.52 -6.67
CA THR A 139 11.94 25.63 -5.93
C THR A 139 10.49 26.12 -6.00
N GLU A 140 9.58 25.20 -6.33
CA GLU A 140 8.15 25.46 -6.27
C GLU A 140 7.70 25.09 -4.86
N ILE A 141 6.78 25.89 -4.30
CA ILE A 141 6.39 25.77 -2.92
C ILE A 141 4.91 25.37 -2.82
N LEU A 142 4.66 24.25 -2.13
CA LEU A 142 3.30 23.83 -1.78
C LEU A 142 2.99 24.36 -0.39
N MET A 143 2.04 25.29 -0.31
CA MET A 143 1.68 25.89 0.95
C MET A 143 0.51 25.12 1.52
N ILE A 144 0.49 24.97 2.85
CA ILE A 144 -0.66 24.42 3.54
C ILE A 144 -1.21 25.42 4.57
N SER A 145 -0.39 26.31 5.16
CA SER A 145 -0.95 27.42 5.92
C SER A 145 -0.97 28.67 5.03
N GLU A 146 -2.14 29.24 4.75
CA GLU A 146 -2.17 30.45 3.92
C GLU A 146 -1.47 31.61 4.60
N VAL A 147 -1.58 31.67 5.93
CA VAL A 147 -1.13 32.84 6.68
C VAL A 147 0.39 33.01 6.56
N GLN A 148 1.14 31.96 6.19
CA GLN A 148 2.59 32.00 6.20
C GLN A 148 3.17 32.61 4.92
N GLN A 149 2.42 32.61 3.80
CA GLN A 149 2.94 33.04 2.51
C GLN A 149 3.45 34.48 2.57
N PRO A 150 2.65 35.47 3.06
CA PRO A 150 3.14 36.85 3.17
C PRO A 150 4.41 37.04 4.01
N LEU A 151 4.60 36.16 5.02
CA LEU A 151 5.80 36.16 5.83
C LEU A 151 7.01 35.68 5.02
N PHE A 152 6.87 34.60 4.22
CA PHE A 152 7.97 34.19 3.34
C PHE A 152 8.29 35.30 2.35
N VAL A 153 7.27 35.98 1.82
CA VAL A 153 7.51 37.09 0.90
C VAL A 153 8.17 38.24 1.65
N LYS A 154 7.72 38.54 2.87
CA LYS A 154 8.33 39.62 3.62
C LYS A 154 9.84 39.37 3.75
N HIS A 155 10.23 38.15 4.13
CA HIS A 155 11.61 37.85 4.52
C HIS A 155 12.50 37.52 3.32
N TYR A 156 11.94 37.02 2.21
CA TYR A 156 12.80 36.60 1.10
C TYR A 156 12.44 37.21 -0.25
N GLY A 157 11.22 37.72 -0.42
CA GLY A 157 10.80 38.31 -1.69
C GLY A 157 10.40 37.26 -2.75
N THR A 158 10.11 36.04 -2.29
CA THR A 158 9.74 34.95 -3.18
C THR A 158 8.64 35.37 -4.14
N GLN A 159 8.76 35.01 -5.44
CA GLN A 159 7.79 35.39 -6.46
C GLN A 159 6.43 34.71 -6.19
N ALA A 160 5.34 35.45 -6.45
CA ALA A 160 4.00 34.99 -6.11
C ALA A 160 3.64 33.68 -6.83
N GLU A 161 4.10 33.51 -8.07
CA GLU A 161 3.78 32.38 -8.92
C GLU A 161 4.43 31.08 -8.43
N ARG A 162 5.39 31.17 -7.50
CA ARG A 162 6.06 29.99 -7.00
C ARG A 162 5.28 29.33 -5.86
N PHE A 163 4.21 29.97 -5.35
CA PHE A 163 3.46 29.45 -4.21
C PHE A 163 2.20 28.75 -4.72
N HIS A 164 1.80 27.61 -4.14
CA HIS A 164 0.61 26.87 -4.56
C HIS A 164 -0.11 26.41 -3.30
N LEU A 165 -1.27 27.01 -3.04
CA LEU A 165 -1.95 26.71 -1.79
C LEU A 165 -2.73 25.41 -1.94
N LEU A 166 -2.55 24.48 -1.01
CA LEU A 166 -3.22 23.20 -1.08
C LEU A 166 -4.39 23.26 -0.10
N PRO A 167 -5.50 22.53 -0.33
CA PRO A 167 -6.50 22.29 0.73
C PRO A 167 -6.02 21.24 1.73
N PRO A 168 -6.73 21.05 2.87
CA PRO A 168 -6.36 20.00 3.82
C PRO A 168 -6.37 18.59 3.21
N GLY A 169 -5.69 17.67 3.89
CA GLY A 169 -5.58 16.27 3.46
C GLY A 169 -5.90 15.30 4.60
N ILE A 170 -7.05 15.52 5.25
CA ILE A 170 -7.51 14.64 6.32
C ILE A 170 -7.81 13.28 5.68
N SER A 171 -7.31 12.19 6.30
N SER A 171 -7.34 12.21 6.34
CA SER A 171 -7.59 10.86 5.76
CA SER A 171 -7.59 10.84 5.89
C SER A 171 -9.02 10.45 6.11
C SER A 171 -9.04 10.45 6.12
N GLN A 172 -9.52 9.55 5.26
CA GLN A 172 -10.90 9.09 5.25
C GLN A 172 -11.25 8.41 6.56
N ASP A 173 -10.29 7.66 7.11
CA ASP A 173 -10.56 6.89 8.31
C ASP A 173 -10.77 7.80 9.52
N ARG A 174 -10.56 9.14 9.43
CA ARG A 174 -10.94 10.00 10.55
C ARG A 174 -12.40 10.49 10.49
N ARG A 175 -13.08 10.34 9.34
CA ARG A 175 -14.47 10.77 9.24
C ARG A 175 -15.33 9.84 10.10
N ALA A 176 -16.37 10.39 10.75
CA ALA A 176 -17.18 9.57 11.64
C ALA A 176 -17.82 8.47 10.79
N PRO A 177 -17.66 7.18 11.17
CA PRO A 177 -18.21 6.07 10.39
C PRO A 177 -19.67 5.79 10.71
N ALA A 178 -20.25 4.85 9.94
CA ALA A 178 -21.61 4.38 10.14
C ALA A 178 -21.80 3.90 11.57
N ASN A 179 -20.83 3.17 12.13
CA ASN A 179 -20.97 2.61 13.47
C ASN A 179 -20.29 3.47 14.54
N ALA A 180 -20.36 4.81 14.39
CA ALA A 180 -19.66 5.73 15.29
C ALA A 180 -20.03 5.44 16.75
N ALA A 181 -21.32 5.26 17.02
CA ALA A 181 -21.84 5.02 18.36
C ALA A 181 -21.27 3.76 19.00
N ASP A 182 -21.08 2.69 18.21
CA ASP A 182 -20.49 1.44 18.68
C ASP A 182 -19.00 1.62 19.02
N VAL A 183 -18.28 2.32 18.14
CA VAL A 183 -16.87 2.60 18.37
C VAL A 183 -16.71 3.42 19.64
N ARG A 184 -17.54 4.47 19.82
CA ARG A 184 -17.50 5.32 21.01
C ARG A 184 -17.72 4.46 22.26
N ALA A 185 -18.70 3.56 22.18
CA ALA A 185 -19.14 2.81 23.35
C ALA A 185 -18.04 1.86 23.76
N GLU A 186 -17.44 1.21 22.76
CA GLU A 186 -16.40 0.20 22.97
C GLU A 186 -15.16 0.88 23.54
N PHE A 187 -14.81 2.07 23.00
CA PHE A 187 -13.72 2.86 23.52
C PHE A 187 -13.96 3.23 25.00
N ARG A 188 -15.11 3.81 25.30
CA ARG A 188 -15.38 4.29 26.63
C ARG A 188 -15.44 3.12 27.61
N ARG A 189 -15.96 1.97 27.20
CA ARG A 189 -15.92 0.77 28.02
C ARG A 189 -14.46 0.42 28.33
N GLU A 190 -13.63 0.40 27.30
CA GLU A 190 -12.25 -0.03 27.45
C GLU A 190 -11.52 0.86 28.47
N PHE A 191 -11.66 2.18 28.34
CA PHE A 191 -10.96 3.12 29.21
C PHE A 191 -11.71 3.36 30.53
N GLY A 192 -12.85 2.68 30.74
CA GLY A 192 -13.62 2.80 31.97
C GLY A 192 -14.36 4.14 32.11
N LEU A 193 -14.82 4.72 30.99
CA LEU A 193 -15.50 6.00 31.04
C LEU A 193 -17.02 5.78 31.02
N GLU A 194 -17.70 6.42 31.95
CA GLU A 194 -19.15 6.31 32.06
C GLU A 194 -19.79 7.55 31.46
N GLU A 195 -21.13 7.54 31.35
CA GLU A 195 -21.87 8.57 30.65
C GLU A 195 -21.65 9.96 31.26
N ASP A 196 -21.41 10.03 32.56
CA ASP A 196 -21.27 11.30 33.26
C ASP A 196 -19.81 11.76 33.34
N ASP A 197 -18.88 10.95 32.80
CA ASP A 197 -17.48 11.32 32.75
C ASP A 197 -17.22 12.19 31.53
N LEU A 198 -16.23 13.09 31.64
CA LEU A 198 -15.78 13.94 30.54
C LEU A 198 -14.31 13.63 30.21
N LEU A 199 -14.03 13.30 28.94
CA LEU A 199 -12.67 13.01 28.50
C LEU A 199 -12.18 14.15 27.61
N LEU A 200 -11.08 14.79 28.05
CA LEU A 200 -10.31 15.69 27.22
C LEU A 200 -9.21 14.91 26.51
N VAL A 201 -9.00 15.15 25.22
CA VAL A 201 -7.84 14.55 24.58
C VAL A 201 -6.94 15.65 24.03
N GLN A 202 -5.63 15.49 24.29
CA GLN A 202 -4.63 16.31 23.65
C GLN A 202 -3.74 15.42 22.78
N ILE A 203 -3.81 15.65 21.46
CA ILE A 203 -3.23 14.70 20.51
C ILE A 203 -2.13 15.39 19.72
N GLY A 204 -0.95 14.76 19.69
CA GLY A 204 0.14 15.18 18.82
C GLY A 204 1.50 15.08 19.53
N SER A 205 2.50 14.61 18.75
CA SER A 205 3.87 14.37 19.19
C SER A 205 4.64 15.69 19.26
N GLY A 206 4.42 16.44 20.33
CA GLY A 206 5.17 17.64 20.64
C GLY A 206 4.47 18.37 21.78
N PHE A 207 4.47 17.75 22.96
CA PHE A 207 3.54 18.13 24.00
C PHE A 207 3.80 19.54 24.47
N LYS A 208 5.08 19.92 24.53
CA LYS A 208 5.45 21.23 25.07
C LYS A 208 4.81 22.35 24.25
N THR A 209 5.11 22.39 22.93
CA THR A 209 4.69 23.52 22.10
C THR A 209 3.19 23.46 21.81
N LYS A 210 2.58 22.28 21.95
CA LYS A 210 1.14 22.09 21.77
C LYS A 210 0.39 22.46 23.05
N GLY A 211 1.13 22.81 24.11
CA GLY A 211 0.54 23.42 25.29
C GLY A 211 -0.03 22.42 26.29
N LEU A 212 0.54 21.20 26.37
CA LEU A 212 0.11 20.25 27.40
C LEU A 212 0.15 20.91 28.79
N ASP A 213 1.15 21.77 29.05
CA ASP A 213 1.25 22.42 30.35
C ASP A 213 0.02 23.31 30.63
N ARG A 214 -0.53 23.98 29.59
CA ARG A 214 -1.69 24.85 29.75
C ARG A 214 -2.96 24.02 29.97
N SER A 215 -3.03 22.89 29.24
CA SER A 215 -4.14 21.96 29.35
C SER A 215 -4.25 21.45 30.78
N LEU A 216 -3.11 21.09 31.40
CA LEU A 216 -3.09 20.52 32.74
C LEU A 216 -3.55 21.56 33.78
N LYS A 217 -3.09 22.79 33.63
CA LYS A 217 -3.53 23.89 34.48
C LYS A 217 -5.04 24.10 34.38
N ALA A 218 -5.59 24.07 33.16
CA ALA A 218 -7.01 24.31 32.95
C ALA A 218 -7.87 23.18 33.55
N LEU A 219 -7.35 21.95 33.46
CA LEU A 219 -7.98 20.78 34.07
C LEU A 219 -8.03 20.94 35.60
N SER A 220 -6.88 21.32 36.19
CA SER A 220 -6.74 21.54 37.62
C SER A 220 -7.66 22.67 38.10
N ALA A 221 -7.80 23.72 37.29
CA ALA A 221 -8.52 24.92 37.70
C ALA A 221 -10.03 24.78 37.58
N LEU A 222 -10.56 23.63 37.15
CA LEU A 222 -12.00 23.52 36.91
C LEU A 222 -12.76 23.58 38.24
N PRO A 223 -13.99 24.15 38.32
CA PRO A 223 -14.84 24.03 39.51
C PRO A 223 -15.05 22.57 39.90
N LYS A 224 -15.17 22.32 41.22
CA LYS A 224 -15.11 21.00 41.82
C LYS A 224 -16.02 20.04 41.07
N ALA A 225 -17.25 20.45 40.72
CA ALA A 225 -18.21 19.53 40.11
C ALA A 225 -17.67 18.98 38.77
N LEU A 226 -17.05 19.85 37.96
CA LEU A 226 -16.49 19.45 36.67
C LEU A 226 -15.19 18.69 36.86
N ARG A 227 -14.33 19.20 37.76
CA ARG A 227 -12.99 18.67 37.97
C ARG A 227 -13.04 17.18 38.35
N ARG A 228 -14.04 16.80 39.16
CA ARG A 228 -14.24 15.43 39.58
C ARG A 228 -14.72 14.53 38.43
N ARG A 229 -15.34 15.09 37.37
CA ARG A 229 -15.89 14.29 36.30
C ARG A 229 -14.90 14.13 35.14
N THR A 230 -13.85 14.95 35.12
CA THR A 230 -13.06 15.18 33.92
C THR A 230 -11.69 14.48 34.02
N ARG A 231 -11.28 13.87 32.90
CA ARG A 231 -9.93 13.35 32.79
C ARG A 231 -9.33 13.76 31.44
N LEU A 232 -8.00 13.67 31.35
CA LEU A 232 -7.25 14.03 30.15
C LEU A 232 -6.38 12.85 29.73
N ILE A 233 -6.40 12.59 28.42
CA ILE A 233 -5.43 11.68 27.81
C ILE A 233 -4.64 12.47 26.76
N ALA A 234 -3.31 12.49 26.93
CA ALA A 234 -2.40 13.05 25.94
C ALA A 234 -1.76 11.92 25.15
N ILE A 235 -1.69 12.09 23.83
CA ILE A 235 -1.20 11.03 22.97
C ILE A 235 -0.13 11.57 22.02
N GLY A 236 1.07 11.00 22.12
CA GLY A 236 2.16 11.44 21.27
C GLY A 236 3.44 10.64 21.50
N GLN A 237 4.25 10.60 20.44
CA GLN A 237 5.60 10.08 20.49
C GLN A 237 6.48 11.16 21.06
N ASP A 238 6.48 11.21 22.40
CA ASP A 238 7.02 12.31 23.18
C ASP A 238 7.30 11.77 24.57
N ASP A 239 8.23 12.39 25.27
CA ASP A 239 8.61 11.98 26.61
C ASP A 239 7.61 12.56 27.61
N PRO A 240 6.99 11.72 28.48
CA PRO A 240 6.04 12.21 29.49
C PRO A 240 6.74 12.76 30.73
N LYS A 241 7.98 12.33 30.92
CA LYS A 241 8.71 12.52 32.16
C LYS A 241 8.64 14.00 32.59
N PRO A 242 8.92 14.98 31.70
CA PRO A 242 8.89 16.38 32.11
C PRO A 242 7.57 16.95 32.62
N PHE A 243 6.44 16.26 32.37
CA PHE A 243 5.13 16.72 32.81
C PHE A 243 4.70 16.02 34.10
N LEU A 244 5.44 14.98 34.52
CA LEU A 244 4.99 14.15 35.62
C LEU A 244 5.04 14.96 36.92
N LEU A 245 6.05 15.84 37.06
CA LEU A 245 6.17 16.69 38.23
C LEU A 245 4.97 17.62 38.30
N GLN A 246 4.53 18.15 37.14
CA GLN A 246 3.45 19.12 37.09
C GLN A 246 2.14 18.45 37.48
N ILE A 247 1.90 17.25 36.94
CA ILE A 247 0.71 16.48 37.21
C ILE A 247 0.60 16.14 38.71
N ALA A 248 1.72 15.73 39.33
CA ALA A 248 1.71 15.40 40.77
C ALA A 248 1.39 16.64 41.59
N ALA A 249 2.06 17.76 41.27
CA ALA A 249 1.90 19.05 41.95
C ALA A 249 0.47 19.58 41.86
N LEU A 250 -0.21 19.32 40.74
CA LEU A 250 -1.58 19.77 40.56
C LEU A 250 -2.56 18.76 41.14
N GLY A 251 -2.05 17.64 41.68
CA GLY A 251 -2.88 16.60 42.26
C GLY A 251 -3.71 15.82 41.23
N LEU A 252 -3.17 15.61 40.01
CA LEU A 252 -3.98 15.08 38.93
C LEU A 252 -3.56 13.65 38.59
N ASN A 253 -2.78 12.98 39.47
CA ASN A 253 -2.17 11.71 39.12
C ASN A 253 -3.21 10.70 38.66
N ASP A 254 -4.41 10.76 39.25
CA ASP A 254 -5.47 9.83 38.92
C ASP A 254 -6.35 10.33 37.78
N GLN A 255 -6.07 11.51 37.22
CA GLN A 255 -6.99 12.07 36.24
C GLN A 255 -6.33 12.24 34.88
N VAL A 256 -5.02 11.91 34.77
CA VAL A 256 -4.28 12.17 33.57
C VAL A 256 -3.54 10.91 33.13
N GLN A 257 -3.62 10.59 31.83
CA GLN A 257 -2.74 9.59 31.24
C GLN A 257 -2.05 10.20 30.01
N ILE A 258 -0.78 9.83 29.82
CA ILE A 258 -0.01 10.24 28.66
C ILE A 258 0.42 8.97 27.96
N LEU A 259 -0.04 8.80 26.71
CA LEU A 259 0.24 7.61 25.96
C LEU A 259 1.26 7.94 24.86
N LYS A 260 1.94 6.90 24.38
CA LYS A 260 2.86 7.02 23.26
C LYS A 260 2.04 7.05 21.98
N GLY A 261 2.72 7.32 20.86
CA GLY A 261 2.15 7.27 19.54
C GLY A 261 1.22 6.08 19.35
N ARG A 262 0.02 6.36 18.82
CA ARG A 262 -1.01 5.36 18.59
C ARG A 262 -1.48 5.43 17.15
N SER A 263 -1.88 4.28 16.58
CA SER A 263 -2.45 4.31 15.25
C SER A 263 -3.98 4.26 15.26
N ASP A 264 -4.63 4.24 16.44
CA ASP A 264 -6.08 4.19 16.53
C ASP A 264 -6.64 5.53 17.00
N ILE A 265 -6.09 6.63 16.47
CA ILE A 265 -6.56 7.96 16.82
C ILE A 265 -8.08 8.09 16.61
N PRO A 266 -8.68 7.60 15.51
CA PRO A 266 -10.12 7.74 15.31
C PRO A 266 -10.96 7.28 16.49
N ARG A 267 -10.53 6.23 17.23
CA ARG A 267 -11.30 5.74 18.38
C ARG A 267 -11.28 6.77 19.51
N PHE A 268 -10.13 7.43 19.70
CA PHE A 268 -10.03 8.48 20.70
C PHE A 268 -10.88 9.67 20.32
N LEU A 269 -10.97 9.99 19.02
CA LEU A 269 -11.72 11.16 18.62
C LEU A 269 -13.22 10.91 18.81
N LEU A 270 -13.69 9.68 18.57
CA LEU A 270 -15.10 9.33 18.76
C LEU A 270 -15.44 9.16 20.23
N GLY A 271 -14.45 8.75 21.04
CA GLY A 271 -14.67 8.37 22.42
C GLY A 271 -14.56 9.51 23.42
N ALA A 272 -13.89 10.61 23.02
CA ALA A 272 -13.66 11.76 23.88
C ALA A 272 -14.87 12.69 23.87
N ASP A 273 -14.78 13.75 24.70
CA ASP A 273 -15.82 14.77 24.82
C ASP A 273 -15.32 16.15 24.36
N LEU A 274 -14.00 16.37 24.39
CA LEU A 274 -13.45 17.61 23.87
C LEU A 274 -12.00 17.37 23.42
N LEU A 275 -11.58 18.00 22.32
CA LEU A 275 -10.15 18.09 22.02
C LEU A 275 -9.64 19.44 22.51
N ILE A 276 -8.55 19.42 23.28
CA ILE A 276 -7.96 20.61 23.88
C ILE A 276 -6.58 20.80 23.21
N HIS A 277 -6.36 21.97 22.58
CA HIS A 277 -5.13 22.17 21.81
C HIS A 277 -4.68 23.61 21.95
N PRO A 278 -4.21 24.01 23.16
CA PRO A 278 -3.86 25.40 23.43
C PRO A 278 -2.41 25.66 23.04
N ALA A 279 -2.09 25.41 21.77
CA ALA A 279 -0.69 25.42 21.35
C ALA A 279 -0.08 26.82 21.45
N TYR A 280 1.23 26.84 21.74
CA TYR A 280 2.05 28.04 21.68
C TYR A 280 2.18 28.46 20.22
N ASN A 281 2.44 27.48 19.36
CA ASN A 281 2.46 27.74 17.93
C ASN A 281 2.19 26.41 17.21
N GLU A 282 1.70 26.53 15.97
CA GLU A 282 1.18 25.40 15.21
C GLU A 282 0.99 25.87 13.78
N ASN A 283 1.77 25.36 12.83
CA ASN A 283 1.62 25.74 11.43
C ASN A 283 0.17 25.54 10.95
N THR A 284 -0.40 24.34 11.16
CA THR A 284 -1.79 24.11 10.77
C THR A 284 -2.54 23.54 11.97
N GLY A 285 -2.26 22.26 12.25
CA GLY A 285 -2.93 21.49 13.28
C GLY A 285 -3.98 20.54 12.69
N THR A 286 -3.49 19.48 12.03
CA THR A 286 -4.32 18.44 11.43
C THR A 286 -5.35 17.89 12.43
N VAL A 287 -4.94 17.64 13.68
CA VAL A 287 -5.83 17.05 14.69
C VAL A 287 -7.06 17.92 14.88
N LEU A 288 -6.96 19.23 14.61
CA LEU A 288 -8.09 20.14 14.79
C LEU A 288 -9.21 19.75 13.84
N LEU A 289 -8.84 19.51 12.58
CA LEU A 289 -9.80 19.08 11.57
C LEU A 289 -10.21 17.62 11.77
N GLU A 290 -9.32 16.75 12.26
CA GLU A 290 -9.71 15.37 12.55
C GLU A 290 -10.80 15.36 13.64
N ALA A 291 -10.66 16.16 14.69
CA ALA A 291 -11.72 16.32 15.67
C ALA A 291 -13.02 16.78 14.99
N LEU A 292 -12.95 17.82 14.14
CA LEU A 292 -14.13 18.38 13.49
C LEU A 292 -14.87 17.29 12.71
N VAL A 293 -14.14 16.51 11.89
CA VAL A 293 -14.78 15.52 11.03
C VAL A 293 -15.28 14.33 11.84
N SER A 294 -14.81 14.19 13.10
CA SER A 294 -15.29 13.18 14.03
C SER A 294 -16.49 13.66 14.84
N GLY A 295 -16.87 14.94 14.75
CA GLY A 295 -17.87 15.50 15.64
C GLY A 295 -17.40 15.72 17.09
N LEU A 296 -16.09 15.91 17.29
CA LEU A 296 -15.52 16.20 18.59
C LEU A 296 -15.29 17.69 18.72
N PRO A 297 -15.98 18.40 19.65
CA PRO A 297 -15.75 19.84 19.83
C PRO A 297 -14.29 20.14 20.18
N VAL A 298 -13.79 21.26 19.67
CA VAL A 298 -12.42 21.67 19.86
C VAL A 298 -12.32 22.97 20.66
N LEU A 299 -11.32 23.00 21.56
CA LEU A 299 -10.86 24.23 22.22
C LEU A 299 -9.42 24.45 21.78
N VAL A 300 -9.17 25.54 21.04
CA VAL A 300 -7.88 25.77 20.39
C VAL A 300 -7.50 27.25 20.53
N THR A 301 -6.20 27.52 20.58
CA THR A 301 -5.66 28.88 20.47
C THR A 301 -5.66 29.42 19.03
N ASP A 302 -5.81 30.74 18.90
CA ASP A 302 -6.02 31.36 17.59
C ASP A 302 -4.76 31.31 16.73
N VAL A 303 -3.61 31.01 17.33
CA VAL A 303 -2.32 30.99 16.62
C VAL A 303 -2.22 29.80 15.68
N CYS A 304 -3.02 28.74 15.92
CA CYS A 304 -3.00 27.57 15.07
C CYS A 304 -3.56 27.92 13.69
N GLY A 305 -2.84 27.50 12.64
CA GLY A 305 -3.21 27.78 11.26
C GLY A 305 -4.59 27.24 10.89
N TYR A 306 -5.05 26.13 11.53
CA TYR A 306 -6.37 25.59 11.22
C TYR A 306 -7.45 26.05 12.20
N ALA A 307 -7.13 26.94 13.15
CA ALA A 307 -8.11 27.39 14.14
C ALA A 307 -9.33 28.04 13.47
N HIS A 308 -9.09 28.76 12.35
CA HIS A 308 -10.18 29.47 11.67
C HIS A 308 -11.29 28.50 11.24
N TYR A 309 -10.92 27.25 10.97
CA TYR A 309 -11.90 26.26 10.58
C TYR A 309 -12.88 25.98 11.72
N ILE A 310 -12.38 25.91 12.96
CA ILE A 310 -13.23 25.64 14.11
C ILE A 310 -14.28 26.76 14.24
N ALA A 311 -13.82 28.02 14.10
CA ALA A 311 -14.65 29.22 14.17
C ALA A 311 -15.72 29.22 13.08
N GLU A 312 -15.29 28.99 11.83
CA GLU A 312 -16.15 29.10 10.65
C GLU A 312 -17.16 27.96 10.60
N ALA A 313 -16.81 26.75 11.04
CA ALA A 313 -17.75 25.64 11.15
C ALA A 313 -18.59 25.75 12.44
N ASP A 314 -18.20 26.65 13.35
CA ASP A 314 -18.76 26.71 14.71
C ASP A 314 -18.75 25.31 15.35
N ALA A 315 -17.54 24.75 15.46
CA ALA A 315 -17.39 23.38 15.95
C ALA A 315 -16.49 23.39 17.19
N GLY A 316 -16.58 24.48 17.95
CA GLY A 316 -15.91 24.63 19.22
C GLY A 316 -15.61 26.12 19.43
N ARG A 317 -14.62 26.41 20.26
CA ARG A 317 -14.22 27.77 20.58
C ARG A 317 -12.72 27.97 20.32
N VAL A 318 -12.38 29.14 19.77
CA VAL A 318 -11.00 29.56 19.57
C VAL A 318 -10.67 30.61 20.63
N LEU A 319 -9.59 30.41 21.40
CA LEU A 319 -9.17 31.35 22.43
C LEU A 319 -8.30 32.44 21.80
N PRO A 320 -8.69 33.75 21.83
CA PRO A 320 -7.91 34.81 21.18
C PRO A 320 -6.62 35.12 21.93
N SER A 321 -5.62 35.56 21.19
CA SER A 321 -4.36 36.00 21.74
C SER A 321 -4.50 37.41 22.31
N PRO A 322 -3.62 37.87 23.23
CA PRO A 322 -2.54 37.07 23.79
C PRO A 322 -3.09 36.00 24.72
N PHE A 323 -2.33 34.91 24.89
CA PHE A 323 -2.75 33.82 25.76
C PHE A 323 -2.74 34.27 27.22
N GLU A 324 -3.85 34.00 27.92
CA GLU A 324 -3.98 34.18 29.35
C GLU A 324 -4.49 32.87 29.96
N GLN A 325 -3.76 32.29 30.93
CA GLN A 325 -4.22 31.02 31.51
C GLN A 325 -5.65 31.13 32.01
N ASP A 326 -5.99 32.28 32.62
CA ASP A 326 -7.28 32.48 33.26
C ASP A 326 -8.40 32.38 32.23
N SER A 327 -8.18 32.90 31.02
CA SER A 327 -9.18 32.79 29.97
C SER A 327 -9.36 31.34 29.48
N LEU A 328 -8.25 30.60 29.35
CA LEU A 328 -8.33 29.18 28.99
C LEU A 328 -9.14 28.40 30.03
N ASN A 329 -8.77 28.64 31.29
CA ASN A 329 -9.41 28.02 32.45
C ASN A 329 -10.93 28.20 32.37
N ARG A 330 -11.33 29.47 32.21
CA ARG A 330 -12.72 29.88 32.11
C ARG A 330 -13.38 29.29 30.85
N LEU A 331 -12.73 29.38 29.68
CA LEU A 331 -13.32 28.81 28.47
C LEU A 331 -13.59 27.30 28.62
N LEU A 332 -12.61 26.55 29.15
CA LEU A 332 -12.79 25.12 29.29
C LEU A 332 -13.99 24.83 30.18
N ALA A 333 -14.04 25.51 31.33
CA ALA A 333 -15.17 25.42 32.26
C ALA A 333 -16.48 25.70 31.53
N GLU A 334 -16.51 26.75 30.71
CA GLU A 334 -17.74 27.14 30.04
C GLU A 334 -18.12 26.10 29.00
N MET A 335 -17.13 25.51 28.31
CA MET A 335 -17.47 24.51 27.31
C MET A 335 -17.97 23.21 27.96
N LEU A 336 -17.34 22.81 29.07
CA LEU A 336 -17.74 21.55 29.70
C LEU A 336 -19.09 21.68 30.42
N GLU A 337 -19.41 22.87 30.97
CA GLU A 337 -20.70 23.17 31.61
C GLU A 337 -21.88 23.07 30.66
N ASP A 338 -21.66 23.36 29.37
CA ASP A 338 -22.75 23.56 28.42
C ASP A 338 -22.86 22.39 27.44
N ALA A 339 -23.64 21.37 27.85
CA ALA A 339 -23.82 20.15 27.09
C ALA A 339 -24.61 20.38 25.80
N PRO A 340 -25.63 21.28 25.78
CA PRO A 340 -26.29 21.64 24.52
C PRO A 340 -25.33 22.25 23.50
N ALA A 341 -24.45 23.14 23.94
CA ALA A 341 -23.50 23.78 23.05
C ALA A 341 -22.55 22.73 22.45
N ARG A 342 -22.12 21.77 23.29
CA ARG A 342 -21.22 20.71 22.84
C ARG A 342 -21.92 19.82 21.83
N ALA A 343 -23.23 19.53 22.04
CA ALA A 343 -23.99 18.78 21.05
C ALA A 343 -24.12 19.55 19.73
N ALA A 344 -24.37 20.87 19.78
CA ALA A 344 -24.39 21.69 18.57
C ALA A 344 -23.03 21.68 17.85
N TRP A 345 -21.94 21.95 18.58
CA TRP A 345 -20.59 21.94 18.02
C TRP A 345 -20.26 20.64 17.30
N SER A 346 -20.71 19.53 17.88
N SER A 346 -20.70 19.52 17.87
CA SER A 346 -20.54 18.21 17.30
CA SER A 346 -20.53 18.20 17.27
C SER A 346 -21.30 18.08 16.00
C SER A 346 -21.30 18.09 15.97
N ARG A 347 -22.59 18.46 16.01
CA ARG A 347 -23.42 18.45 14.82
C ARG A 347 -22.83 19.35 13.73
N ASN A 348 -22.38 20.54 14.14
CA ASN A 348 -21.79 21.53 13.23
C ASN A 348 -20.53 20.98 12.53
N GLY A 349 -19.71 20.25 13.29
CA GLY A 349 -18.47 19.74 12.73
C GLY A 349 -18.76 18.71 11.64
N LEU A 350 -19.66 17.77 11.97
CA LEU A 350 -20.11 16.73 11.05
C LEU A 350 -20.77 17.30 9.80
N ALA A 351 -21.61 18.32 9.95
CA ALA A 351 -22.25 18.91 8.77
C ALA A 351 -21.21 19.62 7.89
N TYR A 352 -20.29 20.37 8.50
CA TYR A 352 -19.26 21.06 7.76
C TYR A 352 -18.38 20.06 6.98
N ALA A 353 -18.07 18.90 7.60
CA ALA A 353 -17.25 17.86 7.00
C ALA A 353 -17.88 17.30 5.74
N ASP A 354 -19.21 17.38 5.63
CA ASP A 354 -19.92 16.84 4.48
C ASP A 354 -19.86 17.77 3.27
N HIS A 355 -19.53 19.06 3.48
CA HIS A 355 -19.54 20.08 2.44
C HIS A 355 -18.12 20.50 2.04
N ALA A 356 -17.22 20.63 3.01
CA ALA A 356 -15.95 21.30 2.76
C ALA A 356 -14.89 20.30 2.24
N ASP A 357 -14.04 20.80 1.35
CA ASP A 357 -12.95 20.06 0.75
C ASP A 357 -11.80 19.95 1.76
N LEU A 358 -11.83 18.93 2.64
CA LEU A 358 -10.80 18.79 3.66
C LEU A 358 -9.89 17.59 3.38
N TYR A 359 -10.04 16.98 2.21
CA TYR A 359 -9.55 15.64 1.95
C TYR A 359 -8.61 15.56 0.76
N SER A 360 -8.57 16.55 -0.14
CA SER A 360 -8.05 16.33 -1.49
C SER A 360 -6.56 16.66 -1.64
N MET A 361 -5.89 17.08 -0.54
CA MET A 361 -4.50 17.52 -0.61
C MET A 361 -3.61 16.57 -1.46
N PRO A 362 -3.56 15.24 -1.22
CA PRO A 362 -2.55 14.43 -1.89
C PRO A 362 -2.70 14.42 -3.42
N GLN A 363 -3.96 14.44 -3.92
CA GLN A 363 -4.25 14.47 -5.34
C GLN A 363 -3.78 15.80 -5.92
N ARG A 364 -4.07 16.92 -5.24
CA ARG A 364 -3.66 18.26 -5.67
C ARG A 364 -2.14 18.41 -5.65
N ALA A 365 -1.50 17.92 -4.58
CA ALA A 365 -0.05 17.99 -4.53
C ALA A 365 0.57 17.17 -5.66
N ALA A 366 0.08 15.95 -5.87
CA ALA A 366 0.57 15.11 -6.96
C ALA A 366 0.38 15.82 -8.31
N ASP A 367 -0.76 16.49 -8.52
CA ASP A 367 -0.99 17.20 -9.78
C ASP A 367 0.08 18.28 -10.02
N LEU A 368 0.37 19.07 -8.99
CA LEU A 368 1.44 20.06 -9.06
C LEU A 368 2.84 19.43 -9.20
N ILE A 369 3.16 18.38 -8.46
CA ILE A 369 4.47 17.78 -8.55
C ILE A 369 4.73 17.21 -9.95
N LEU A 370 3.70 16.59 -10.55
CA LEU A 370 3.85 15.87 -11.81
C LEU A 370 3.32 16.66 -13.02
N GLY A 371 2.74 17.87 -12.82
CA GLY A 371 2.33 18.69 -13.95
C GLY A 371 1.03 18.24 -14.59
N ALA B 2 1.01 -14.82 18.27
CA ALA B 2 -0.12 -14.88 17.31
C ALA B 2 0.32 -15.52 15.99
N THR B 3 0.83 -16.76 16.06
CA THR B 3 1.50 -17.41 14.92
C THR B 3 0.48 -17.98 13.92
N LEU B 4 0.76 -17.72 12.64
CA LEU B 4 0.04 -18.32 11.52
C LEU B 4 0.97 -19.29 10.82
N ALA B 5 0.46 -20.50 10.56
CA ALA B 5 1.23 -21.50 9.82
C ALA B 5 0.72 -21.55 8.37
N PHE B 6 1.64 -21.38 7.43
CA PHE B 6 1.33 -21.40 6.01
C PHE B 6 1.97 -22.66 5.44
N ILE B 7 1.16 -23.45 4.72
CA ILE B 7 1.62 -24.70 4.15
C ILE B 7 1.59 -24.64 2.63
N LEU B 8 2.73 -24.97 2.01
CA LEU B 8 2.77 -25.17 0.57
C LEU B 8 3.86 -26.18 0.25
N TYR B 9 3.62 -27.04 -0.77
CA TYR B 9 4.57 -28.09 -1.11
C TYR B 9 5.90 -27.52 -1.56
N LYS B 10 5.85 -26.40 -2.30
CA LYS B 10 7.06 -25.84 -2.90
C LYS B 10 6.96 -24.32 -2.94
N TYR B 11 7.98 -23.66 -2.38
CA TYR B 11 8.20 -22.25 -2.61
C TYR B 11 9.36 -22.06 -3.59
N PHE B 12 9.09 -21.19 -4.57
CA PHE B 12 10.09 -20.63 -5.46
C PHE B 12 9.52 -19.29 -5.93
N PRO B 13 10.32 -18.32 -6.40
CA PRO B 13 9.75 -17.00 -6.69
C PRO B 13 8.98 -16.83 -8.01
N PHE B 14 8.98 -17.83 -8.90
CA PHE B 14 8.53 -17.67 -10.29
C PHE B 14 7.25 -18.47 -10.58
N GLY B 15 6.40 -18.59 -9.54
CA GLY B 15 5.14 -19.27 -9.67
C GLY B 15 4.01 -18.46 -9.06
N GLY B 16 2.79 -18.57 -9.62
CA GLY B 16 1.65 -17.81 -9.13
C GLY B 16 1.21 -18.21 -7.72
N LEU B 17 1.10 -19.52 -7.48
CA LEU B 17 0.72 -19.98 -6.14
C LEU B 17 1.68 -19.37 -5.12
N GLN B 18 2.97 -19.41 -5.47
CA GLN B 18 4.05 -19.02 -4.58
C GLN B 18 4.08 -17.51 -4.33
N ARG B 19 3.84 -16.71 -5.38
CA ARG B 19 3.76 -15.27 -5.24
C ARG B 19 2.53 -14.85 -4.43
N ASP B 20 1.41 -15.55 -4.59
CA ASP B 20 0.18 -15.21 -3.89
C ASP B 20 0.37 -15.48 -2.39
N PHE B 21 0.91 -16.67 -2.07
CA PHE B 21 1.29 -17.04 -0.72
C PHE B 21 2.17 -15.96 -0.09
N MET B 22 3.21 -15.54 -0.82
CA MET B 22 4.14 -14.55 -0.28
C MET B 22 3.43 -13.23 0.04
N ARG B 23 2.56 -12.76 -0.85
CA ARG B 23 1.92 -11.47 -0.66
C ARG B 23 0.93 -11.51 0.50
N ILE B 24 0.23 -12.64 0.65
CA ILE B 24 -0.67 -12.85 1.76
C ILE B 24 0.13 -12.93 3.06
N ALA B 25 1.23 -13.70 3.08
CA ALA B 25 1.98 -13.89 4.31
C ALA B 25 2.58 -12.57 4.81
N LEU B 26 3.14 -11.78 3.89
CA LEU B 26 3.65 -10.43 4.17
C LEU B 26 2.57 -9.52 4.73
N GLU B 27 1.33 -9.60 4.20
CA GLU B 27 0.26 -8.75 4.67
C GLU B 27 -0.13 -9.16 6.10
N CYS B 28 -0.28 -10.48 6.31
CA CYS B 28 -0.54 -11.00 7.64
C CYS B 28 0.55 -10.54 8.62
N GLN B 29 1.80 -10.61 8.19
CA GLN B 29 2.94 -10.22 9.01
C GLN B 29 2.88 -8.73 9.36
N ARG B 30 2.59 -7.88 8.36
CA ARG B 30 2.43 -6.44 8.58
C ARG B 30 1.32 -6.15 9.59
N ARG B 31 0.37 -7.09 9.76
CA ARG B 31 -0.71 -6.88 10.72
C ARG B 31 -0.28 -7.36 12.11
N GLY B 32 0.99 -7.79 12.28
CA GLY B 32 1.53 -8.12 13.59
C GLY B 32 1.58 -9.62 13.90
N HIS B 33 1.52 -10.51 12.90
CA HIS B 33 1.50 -11.95 13.18
C HIS B 33 2.85 -12.55 12.82
N ASP B 34 3.31 -13.52 13.62
CA ASP B 34 4.49 -14.29 13.27
C ASP B 34 4.11 -15.33 12.21
N ILE B 35 5.05 -15.57 11.31
CA ILE B 35 4.84 -16.36 10.13
C ILE B 35 5.72 -17.60 10.19
N ARG B 36 5.06 -18.77 10.21
CA ARG B 36 5.73 -20.04 10.12
C ARG B 36 5.26 -20.69 8.82
N VAL B 37 6.21 -21.33 8.12
CA VAL B 37 5.95 -21.90 6.81
C VAL B 37 6.43 -23.34 6.81
N TYR B 38 5.55 -24.26 6.46
CA TYR B 38 5.96 -25.64 6.23
C TYR B 38 5.98 -25.95 4.73
N THR B 39 7.08 -26.58 4.25
CA THR B 39 7.26 -26.83 2.84
C THR B 39 8.21 -28.00 2.58
N LEU B 40 8.20 -28.52 1.35
CA LEU B 40 9.15 -29.57 0.94
C LEU B 40 10.42 -28.96 0.36
N ILE B 41 10.35 -27.72 -0.15
CA ILE B 41 11.45 -27.07 -0.87
C ILE B 41 11.20 -25.56 -0.82
N TRP B 42 12.25 -24.80 -0.49
CA TRP B 42 12.21 -23.34 -0.51
C TRP B 42 13.38 -22.85 -1.33
N GLU B 43 13.10 -22.18 -2.46
CA GLU B 43 14.13 -21.61 -3.29
C GLU B 43 13.95 -20.11 -3.22
N GLY B 44 15.06 -19.38 -3.07
CA GLY B 44 15.04 -17.93 -3.08
C GLY B 44 15.11 -17.40 -1.66
N ASP B 45 15.07 -16.07 -1.52
CA ASP B 45 15.31 -15.43 -0.24
C ASP B 45 14.17 -15.75 0.73
N VAL B 46 14.56 -15.80 2.00
CA VAL B 46 13.63 -15.95 3.11
C VAL B 46 13.41 -14.59 3.73
N PRO B 47 12.21 -14.00 3.64
CA PRO B 47 11.92 -12.75 4.34
C PRO B 47 12.19 -12.81 5.84
N ASP B 48 12.66 -11.69 6.39
CA ASP B 48 12.90 -11.58 7.82
C ASP B 48 11.65 -11.94 8.60
N GLY B 49 11.85 -12.72 9.67
CA GLY B 49 10.77 -13.07 10.59
C GLY B 49 10.00 -14.32 10.19
N PHE B 50 10.23 -14.84 8.98
CA PHE B 50 9.57 -16.05 8.54
C PHE B 50 10.35 -17.24 9.11
N GLU B 51 9.66 -18.14 9.83
CA GLU B 51 10.26 -19.37 10.27
C GLU B 51 9.92 -20.44 9.23
N VAL B 52 10.89 -20.85 8.42
CA VAL B 52 10.68 -21.78 7.34
C VAL B 52 11.24 -23.15 7.75
N LEU B 53 10.36 -24.16 7.68
CA LEU B 53 10.67 -25.54 7.97
C LEU B 53 10.50 -26.36 6.70
N VAL B 54 11.61 -26.88 6.19
CA VAL B 54 11.67 -27.78 5.06
C VAL B 54 11.58 -29.21 5.63
N ALA B 55 10.54 -29.95 5.25
CA ALA B 55 10.34 -31.32 5.72
C ALA B 55 11.47 -32.24 5.26
N PRO B 56 12.06 -33.07 6.16
CA PRO B 56 13.07 -34.05 5.77
C PRO B 56 12.51 -35.37 5.21
N VAL B 57 11.24 -35.39 4.83
CA VAL B 57 10.58 -36.62 4.38
C VAL B 57 11.06 -36.99 2.97
N ARG B 58 11.07 -38.30 2.72
CA ARG B 58 11.48 -38.85 1.44
C ARG B 58 10.54 -40.00 1.05
N SER B 59 10.29 -40.13 -0.27
CA SER B 59 9.55 -41.24 -0.85
C SER B 59 9.84 -41.22 -2.34
N ILE B 60 9.86 -42.37 -3.01
CA ILE B 60 10.01 -42.28 -4.45
C ILE B 60 8.73 -41.69 -5.08
N PHE B 61 7.54 -41.96 -4.54
CA PHE B 61 6.34 -41.41 -5.15
C PHE B 61 6.00 -40.09 -4.51
N ASN B 62 5.70 -39.07 -5.33
CA ASN B 62 5.26 -37.78 -4.83
C ASN B 62 4.08 -37.84 -3.87
N HIS B 63 3.07 -38.65 -4.22
CA HIS B 63 1.87 -38.69 -3.42
C HIS B 63 2.17 -39.22 -2.03
N ARG B 64 3.12 -40.18 -1.94
CA ARG B 64 3.55 -40.77 -0.66
C ARG B 64 4.42 -39.77 0.11
N ARG B 65 5.31 -39.06 -0.60
CA ARG B 65 6.02 -37.96 0.02
C ARG B 65 5.06 -36.98 0.68
N ASN B 66 3.98 -36.66 -0.04
CA ASN B 66 2.99 -35.70 0.43
C ASN B 66 2.31 -36.22 1.70
N GLU B 67 1.97 -37.52 1.76
CA GLU B 67 1.38 -38.05 2.98
C GLU B 67 2.36 -37.95 4.16
N LYS B 68 3.63 -38.27 3.90
CA LYS B 68 4.64 -38.22 4.95
C LYS B 68 4.86 -36.78 5.42
N PHE B 69 4.72 -35.82 4.48
CA PHE B 69 4.77 -34.41 4.78
C PHE B 69 3.69 -34.02 5.79
N THR B 70 2.44 -34.39 5.48
CA THR B 70 1.30 -34.10 6.35
C THR B 70 1.53 -34.62 7.77
N ALA B 71 2.07 -35.83 7.92
CA ALA B 71 2.25 -36.39 9.25
C ALA B 71 3.36 -35.62 9.99
N TRP B 72 4.43 -35.28 9.27
CA TRP B 72 5.54 -34.52 9.85
C TRP B 72 5.08 -33.15 10.31
N VAL B 73 4.33 -32.44 9.45
CA VAL B 73 3.78 -31.16 9.81
C VAL B 73 2.88 -31.30 11.05
N ARG B 74 1.97 -32.28 11.04
CA ARG B 74 0.99 -32.44 12.11
C ARG B 74 1.72 -32.71 13.43
N ALA B 75 2.78 -33.53 13.41
CA ALA B 75 3.57 -33.78 14.62
C ALA B 75 4.22 -32.49 15.14
N ASP B 76 4.70 -31.63 14.24
CA ASP B 76 5.27 -30.36 14.68
C ASP B 76 4.21 -29.48 15.33
N LEU B 77 3.03 -29.37 14.70
CA LEU B 77 1.97 -28.49 15.18
C LEU B 77 1.35 -28.96 16.51
N ASP B 78 1.29 -30.29 16.71
CA ASP B 78 0.87 -30.86 17.98
C ASP B 78 1.75 -30.34 19.10
N ARG B 79 3.07 -30.31 18.87
CA ARG B 79 4.04 -29.84 19.85
C ARG B 79 4.11 -28.30 19.88
N ARG B 80 4.01 -27.63 18.71
CA ARG B 80 4.05 -26.18 18.64
C ARG B 80 2.77 -25.62 18.00
N PRO B 81 1.64 -25.53 18.74
CA PRO B 81 0.37 -25.06 18.20
C PRO B 81 0.38 -23.63 17.66
N VAL B 82 -0.53 -23.32 16.75
CA VAL B 82 -0.59 -22.00 16.13
C VAL B 82 -2.03 -21.51 16.24
N GLN B 83 -2.26 -20.26 15.83
CA GLN B 83 -3.58 -19.66 15.85
C GLN B 83 -4.43 -20.14 14.65
N ARG B 84 -3.80 -20.32 13.47
CA ARG B 84 -4.53 -20.69 12.26
C ARG B 84 -3.56 -21.36 11.27
N VAL B 85 -4.06 -22.37 10.55
CA VAL B 85 -3.29 -23.07 9.54
C VAL B 85 -3.91 -22.76 8.17
N ILE B 86 -3.08 -22.22 7.27
CA ILE B 86 -3.50 -21.80 5.93
C ILE B 86 -2.69 -22.62 4.93
N GLY B 87 -3.36 -23.46 4.12
CA GLY B 87 -2.68 -24.23 3.10
C GLY B 87 -2.94 -23.69 1.69
N PHE B 88 -1.96 -23.83 0.82
CA PHE B 88 -2.02 -23.44 -0.58
C PHE B 88 -2.05 -24.67 -1.49
N ASN B 89 -2.07 -25.85 -0.83
CA ASN B 89 -2.20 -27.15 -1.47
C ASN B 89 -3.22 -27.94 -0.66
N LYS B 90 -4.03 -28.77 -1.36
CA LYS B 90 -5.07 -29.54 -0.70
C LYS B 90 -4.48 -30.66 0.15
N MET B 91 -4.89 -30.67 1.42
CA MET B 91 -4.50 -31.68 2.38
C MET B 91 -5.39 -31.56 3.60
N PRO B 92 -5.37 -32.59 4.49
CA PRO B 92 -6.11 -32.55 5.75
C PRO B 92 -5.49 -31.52 6.70
N GLY B 93 -6.29 -31.03 7.66
CA GLY B 93 -5.79 -30.23 8.78
C GLY B 93 -5.67 -28.73 8.47
N LEU B 94 -6.31 -28.24 7.39
CA LEU B 94 -6.30 -26.81 7.07
C LEU B 94 -7.51 -26.12 7.70
N ASP B 95 -7.30 -24.94 8.31
CA ASP B 95 -8.40 -24.02 8.65
C ASP B 95 -8.88 -23.25 7.42
N VAL B 96 -7.93 -22.92 6.53
CA VAL B 96 -8.19 -22.16 5.32
C VAL B 96 -7.37 -22.79 4.21
N TYR B 97 -8.02 -22.97 3.04
CA TYR B 97 -7.40 -23.42 1.82
C TYR B 97 -7.54 -22.29 0.78
N TYR B 98 -6.41 -21.90 0.20
CA TYR B 98 -6.36 -20.96 -0.93
C TYR B 98 -6.33 -21.79 -2.21
N ALA B 99 -7.36 -21.63 -3.04
CA ALA B 99 -7.61 -22.52 -4.18
C ALA B 99 -6.81 -22.08 -5.40
N ALA B 100 -5.50 -22.35 -5.32
CA ALA B 100 -4.56 -22.08 -6.40
C ALA B 100 -4.63 -23.17 -7.47
N ASP B 101 -5.34 -24.27 -7.20
CA ASP B 101 -5.55 -25.34 -8.16
C ASP B 101 -7.03 -25.40 -8.52
N ALA B 102 -7.29 -25.80 -9.76
CA ALA B 102 -8.60 -26.23 -10.21
C ALA B 102 -9.03 -27.49 -9.47
N CYS B 103 -10.31 -27.82 -9.65
CA CYS B 103 -10.89 -29.05 -9.12
C CYS B 103 -10.24 -30.28 -9.77
N PHE B 104 -9.61 -31.12 -8.94
CA PHE B 104 -8.88 -32.31 -9.35
C PHE B 104 -9.83 -33.38 -9.89
N GLU B 105 -10.90 -33.70 -9.13
CA GLU B 105 -11.87 -34.69 -9.55
C GLU B 105 -12.41 -34.38 -10.95
N GLU B 106 -12.71 -33.10 -11.22
CA GLU B 106 -13.26 -32.72 -12.52
C GLU B 106 -12.27 -33.06 -13.65
N LYS B 107 -10.97 -32.79 -13.43
CA LYS B 107 -9.95 -33.11 -14.43
C LYS B 107 -9.76 -34.63 -14.55
N ALA B 108 -9.80 -35.36 -13.43
CA ALA B 108 -9.67 -36.82 -13.45
C ALA B 108 -10.75 -37.44 -14.34
N GLN B 109 -11.98 -36.92 -14.24
CA GLN B 109 -13.09 -37.41 -15.05
C GLN B 109 -12.95 -36.94 -16.51
N THR B 110 -12.24 -35.82 -16.76
CA THR B 110 -12.09 -35.24 -18.09
C THR B 110 -10.74 -35.64 -18.70
N TRP B 119 -3.55 -45.22 -10.35
CA TRP B 119 -4.51 -45.57 -9.28
C TRP B 119 -4.11 -45.08 -7.87
N GLY B 120 -2.90 -45.39 -7.37
CA GLY B 120 -2.42 -44.89 -6.08
C GLY B 120 -2.48 -43.36 -6.03
N ARG B 121 -2.00 -42.74 -7.12
CA ARG B 121 -1.93 -41.29 -7.28
C ARG B 121 -3.32 -40.67 -7.28
N TYR B 122 -4.26 -41.23 -8.07
CA TYR B 122 -5.64 -40.78 -8.12
C TYR B 122 -6.28 -40.79 -6.72
N ARG B 123 -6.15 -41.92 -6.00
CA ARG B 123 -6.79 -42.06 -4.69
C ARG B 123 -6.24 -41.05 -3.69
N HIS B 124 -4.92 -40.82 -3.75
CA HIS B 124 -4.28 -39.81 -2.92
C HIS B 124 -4.82 -38.40 -3.21
N PHE B 125 -4.67 -37.92 -4.47
CA PHE B 125 -5.07 -36.56 -4.77
C PHE B 125 -6.60 -36.37 -4.58
N ALA B 126 -7.42 -37.40 -4.87
CA ALA B 126 -8.87 -37.29 -4.65
C ALA B 126 -9.16 -37.20 -3.16
N GLY B 127 -8.48 -38.05 -2.37
CA GLY B 127 -8.65 -38.07 -0.93
C GLY B 127 -8.28 -36.73 -0.28
N TYR B 128 -7.16 -36.16 -0.71
CA TYR B 128 -6.68 -34.90 -0.15
C TYR B 128 -7.60 -33.73 -0.56
N GLU B 129 -8.20 -33.79 -1.75
CA GLU B 129 -9.18 -32.79 -2.14
C GLU B 129 -10.45 -32.93 -1.29
N ARG B 130 -10.95 -34.16 -1.12
CA ARG B 130 -12.07 -34.40 -0.23
C ARG B 130 -11.76 -33.94 1.21
N ALA B 131 -10.52 -34.11 1.71
CA ALA B 131 -10.22 -33.62 3.06
C ALA B 131 -10.56 -32.13 3.19
N VAL B 132 -10.39 -31.34 2.11
CA VAL B 132 -10.73 -29.92 2.15
C VAL B 132 -12.24 -29.69 1.97
N PHE B 133 -12.80 -30.31 0.91
CA PHE B 133 -14.08 -29.93 0.37
C PHE B 133 -15.24 -30.75 0.93
N ASP B 134 -14.97 -31.86 1.61
CA ASP B 134 -16.04 -32.71 2.11
C ASP B 134 -16.97 -31.86 2.98
N PRO B 135 -18.32 -32.06 2.97
CA PRO B 135 -19.20 -31.31 3.87
C PRO B 135 -18.86 -31.42 5.36
N ALA B 136 -18.21 -32.50 5.78
CA ALA B 136 -17.82 -32.66 7.18
C ALA B 136 -16.52 -31.91 7.51
N SER B 137 -15.75 -31.46 6.50
CA SER B 137 -14.56 -30.64 6.77
C SER B 137 -14.97 -29.23 7.18
N LYS B 138 -14.18 -28.59 8.05
CA LYS B 138 -14.46 -27.21 8.42
C LYS B 138 -13.64 -26.21 7.59
N THR B 139 -12.80 -26.68 6.67
CA THR B 139 -11.90 -25.77 5.98
C THR B 139 -12.70 -24.67 5.28
N GLU B 140 -12.31 -23.42 5.48
CA GLU B 140 -12.82 -22.31 4.71
C GLU B 140 -12.02 -22.21 3.41
N ILE B 141 -12.70 -21.87 2.31
CA ILE B 141 -12.08 -21.89 0.99
C ILE B 141 -12.00 -20.47 0.42
N LEU B 142 -10.77 -20.07 0.04
CA LEU B 142 -10.54 -18.82 -0.68
C LEU B 142 -10.48 -19.12 -2.18
N MET B 143 -11.48 -18.68 -2.92
CA MET B 143 -11.59 -18.99 -4.33
C MET B 143 -11.01 -17.84 -5.14
N ILE B 144 -10.34 -18.17 -6.26
CA ILE B 144 -9.76 -17.17 -7.17
C ILE B 144 -10.28 -17.38 -8.59
N SER B 145 -10.60 -18.62 -8.96
CA SER B 145 -11.39 -18.85 -10.15
C SER B 145 -12.87 -18.98 -9.77
N GLU B 146 -13.73 -18.09 -10.28
CA GLU B 146 -15.18 -18.21 -10.07
C GLU B 146 -15.75 -19.52 -10.62
N VAL B 147 -15.22 -19.97 -11.77
CA VAL B 147 -15.83 -21.02 -12.56
C VAL B 147 -15.68 -22.38 -11.85
N GLN B 148 -14.74 -22.49 -10.92
CA GLN B 148 -14.44 -23.79 -10.34
C GLN B 148 -15.38 -24.14 -9.20
N GLN B 149 -15.98 -23.12 -8.58
CA GLN B 149 -16.75 -23.32 -7.38
C GLN B 149 -17.87 -24.34 -7.63
N PRO B 150 -18.74 -24.15 -8.67
CA PRO B 150 -19.74 -25.17 -9.04
C PRO B 150 -19.21 -26.59 -9.20
N LEU B 151 -17.98 -26.69 -9.73
CA LEU B 151 -17.35 -28.00 -9.93
C LEU B 151 -17.00 -28.64 -8.59
N PHE B 152 -16.48 -27.88 -7.60
CA PHE B 152 -16.29 -28.41 -6.25
C PHE B 152 -17.61 -28.83 -5.59
N VAL B 153 -18.66 -28.00 -5.71
CA VAL B 153 -19.95 -28.38 -5.15
C VAL B 153 -20.46 -29.67 -5.82
N LYS B 154 -20.38 -29.73 -7.14
CA LYS B 154 -20.83 -30.94 -7.84
C LYS B 154 -20.15 -32.20 -7.26
N HIS B 155 -18.82 -32.16 -7.08
CA HIS B 155 -18.07 -33.35 -6.74
C HIS B 155 -18.09 -33.67 -5.24
N TYR B 156 -18.31 -32.66 -4.39
CA TYR B 156 -18.21 -32.88 -2.95
C TYR B 156 -19.44 -32.41 -2.18
N GLY B 157 -20.23 -31.47 -2.73
CA GLY B 157 -21.40 -30.98 -2.00
C GLY B 157 -21.05 -29.90 -0.99
N THR B 158 -19.90 -29.27 -1.18
CA THR B 158 -19.40 -28.27 -0.23
C THR B 158 -20.44 -27.16 -0.01
N GLN B 159 -20.66 -26.74 1.27
CA GLN B 159 -21.61 -25.71 1.65
C GLN B 159 -21.22 -24.35 1.07
N ALA B 160 -22.21 -23.61 0.54
CA ALA B 160 -21.97 -22.36 -0.19
C ALA B 160 -21.22 -21.31 0.67
N GLU B 161 -21.53 -21.26 1.98
CA GLU B 161 -20.95 -20.22 2.86
C GLU B 161 -19.48 -20.52 3.21
N ARG B 162 -18.96 -21.70 2.83
CA ARG B 162 -17.55 -21.99 3.04
C ARG B 162 -16.67 -21.42 1.92
N PHE B 163 -17.27 -20.87 0.84
CA PHE B 163 -16.49 -20.34 -0.27
C PHE B 163 -16.43 -18.81 -0.19
N HIS B 164 -15.27 -18.22 -0.51
CA HIS B 164 -15.09 -16.78 -0.42
C HIS B 164 -14.32 -16.34 -1.66
N LEU B 165 -15.01 -15.62 -2.56
CA LEU B 165 -14.40 -15.29 -3.84
C LEU B 165 -13.51 -14.07 -3.66
N LEU B 166 -12.22 -14.19 -3.98
CA LEU B 166 -11.28 -13.08 -3.92
C LEU B 166 -11.19 -12.39 -5.29
N PRO B 167 -10.89 -11.08 -5.33
CA PRO B 167 -10.47 -10.45 -6.58
C PRO B 167 -9.01 -10.80 -6.90
N PRO B 168 -8.53 -10.46 -8.12
CA PRO B 168 -7.12 -10.68 -8.47
C PRO B 168 -6.15 -9.93 -7.56
N GLY B 169 -4.88 -10.38 -7.53
CA GLY B 169 -3.84 -9.76 -6.74
C GLY B 169 -2.57 -9.47 -7.52
N ILE B 170 -2.71 -8.82 -8.67
CA ILE B 170 -1.60 -8.36 -9.52
C ILE B 170 -0.74 -7.41 -8.68
N SER B 171 0.59 -7.55 -8.72
N SER B 171 0.58 -7.54 -8.77
CA SER B 171 1.45 -6.67 -7.94
CA SER B 171 1.50 -6.68 -8.02
C SER B 171 1.68 -5.36 -8.70
C SER B 171 1.65 -5.33 -8.72
N GLN B 172 1.85 -4.28 -7.91
CA GLN B 172 1.82 -2.91 -8.43
C GLN B 172 2.95 -2.70 -9.43
N ASP B 173 4.05 -3.45 -9.29
CA ASP B 173 5.20 -3.28 -10.18
C ASP B 173 4.92 -3.81 -11.59
N ARG B 174 3.77 -4.50 -11.83
CA ARG B 174 3.37 -4.86 -13.20
C ARG B 174 2.57 -3.74 -13.89
N ARG B 175 2.12 -2.74 -13.13
CA ARG B 175 1.39 -1.64 -13.76
C ARG B 175 2.37 -0.83 -14.61
N ALA B 176 1.93 -0.39 -15.79
CA ALA B 176 2.73 0.42 -16.69
C ALA B 176 3.19 1.68 -15.94
N PRO B 177 4.51 1.95 -15.87
CA PRO B 177 5.01 3.15 -15.18
C PRO B 177 4.92 4.37 -16.08
N ALA B 178 5.23 5.55 -15.52
CA ALA B 178 5.07 6.80 -16.27
C ALA B 178 6.12 6.88 -17.37
N ASN B 179 7.24 6.16 -17.22
CA ASN B 179 8.29 6.09 -18.24
C ASN B 179 8.24 4.77 -19.04
N ALA B 180 7.04 4.20 -19.26
CA ALA B 180 6.87 2.94 -19.96
C ALA B 180 7.60 2.93 -21.31
N ALA B 181 7.52 4.06 -22.03
CA ALA B 181 8.15 4.19 -23.35
C ALA B 181 9.66 4.01 -23.27
N ASP B 182 10.29 4.53 -22.23
CA ASP B 182 11.72 4.44 -22.01
C ASP B 182 12.10 3.01 -21.64
N VAL B 183 11.29 2.35 -20.79
CA VAL B 183 11.59 0.99 -20.37
C VAL B 183 11.48 0.08 -21.60
N ARG B 184 10.42 0.30 -22.38
CA ARG B 184 10.22 -0.46 -23.62
C ARG B 184 11.44 -0.31 -24.53
N ALA B 185 11.84 0.95 -24.79
CA ALA B 185 12.94 1.23 -25.71
C ALA B 185 14.21 0.51 -25.25
N GLU B 186 14.48 0.58 -23.95
CA GLU B 186 15.71 0.07 -23.37
C GLU B 186 15.69 -1.45 -23.44
N PHE B 187 14.53 -2.06 -23.17
CA PHE B 187 14.44 -3.49 -23.32
C PHE B 187 14.67 -3.92 -24.77
N ARG B 188 14.02 -3.23 -25.72
CA ARG B 188 14.10 -3.62 -27.12
C ARG B 188 15.52 -3.43 -27.63
N ARG B 189 16.21 -2.39 -27.15
CA ARG B 189 17.64 -2.22 -27.46
C ARG B 189 18.43 -3.42 -26.94
N GLU B 190 18.25 -3.78 -25.65
CA GLU B 190 18.98 -4.90 -25.07
C GLU B 190 18.79 -6.19 -25.88
N PHE B 191 17.54 -6.51 -26.23
CA PHE B 191 17.23 -7.73 -26.95
C PHE B 191 17.42 -7.59 -28.46
N GLY B 192 17.83 -6.42 -28.94
CA GLY B 192 18.05 -6.21 -30.36
C GLY B 192 16.78 -6.20 -31.22
N LEU B 193 15.67 -5.67 -30.69
CA LEU B 193 14.41 -5.57 -31.43
C LEU B 193 14.27 -4.16 -31.99
N GLU B 194 14.00 -4.11 -33.29
CA GLU B 194 13.85 -2.85 -33.99
C GLU B 194 12.35 -2.54 -34.09
N GLU B 195 12.01 -1.37 -34.61
CA GLU B 195 10.64 -0.87 -34.56
C GLU B 195 9.70 -1.72 -35.41
N ASP B 196 10.21 -2.33 -36.49
CA ASP B 196 9.43 -3.21 -37.34
C ASP B 196 9.39 -4.65 -36.85
N ASP B 197 10.13 -5.00 -35.79
CA ASP B 197 10.14 -6.37 -35.28
C ASP B 197 8.91 -6.61 -34.40
N LEU B 198 8.45 -7.88 -34.35
CA LEU B 198 7.32 -8.25 -33.50
C LEU B 198 7.80 -9.29 -32.49
N LEU B 199 7.61 -9.00 -31.18
CA LEU B 199 7.94 -9.95 -30.13
C LEU B 199 6.67 -10.52 -29.50
N LEU B 200 6.54 -11.84 -29.60
CA LEU B 200 5.63 -12.62 -28.77
C LEU B 200 6.35 -13.07 -27.50
N VAL B 201 5.67 -12.96 -26.38
CA VAL B 201 6.17 -13.54 -25.14
C VAL B 201 5.18 -14.59 -24.61
N GLN B 202 5.76 -15.71 -24.17
CA GLN B 202 5.02 -16.71 -23.45
C GLN B 202 5.61 -16.92 -22.07
N ILE B 203 4.83 -16.56 -21.05
CA ILE B 203 5.38 -16.38 -19.72
C ILE B 203 4.68 -17.36 -18.80
N GLY B 204 5.48 -18.14 -18.06
CA GLY B 204 4.96 -19.00 -17.02
C GLY B 204 5.73 -20.30 -16.95
N SER B 205 6.04 -20.72 -15.72
CA SER B 205 6.80 -21.94 -15.44
C SER B 205 5.91 -23.19 -15.60
N GLY B 206 5.73 -23.67 -16.83
CA GLY B 206 4.93 -24.84 -17.14
C GLY B 206 4.58 -24.86 -18.63
N PHE B 207 5.60 -24.96 -19.46
CA PHE B 207 5.48 -24.67 -20.89
C PHE B 207 4.50 -25.61 -21.60
N LYS B 208 4.50 -26.89 -21.24
CA LYS B 208 3.64 -27.84 -21.94
C LYS B 208 2.17 -27.47 -21.73
N THR B 209 1.71 -27.38 -20.47
CA THR B 209 0.30 -27.15 -20.19
C THR B 209 -0.11 -25.72 -20.59
N LYS B 210 0.83 -24.78 -20.64
CA LYS B 210 0.58 -23.42 -21.11
C LYS B 210 0.60 -23.31 -22.63
N GLY B 211 0.91 -24.41 -23.33
CA GLY B 211 0.70 -24.46 -24.76
C GLY B 211 1.88 -23.94 -25.57
N LEU B 212 3.11 -24.05 -25.06
CA LEU B 212 4.22 -23.53 -25.84
C LEU B 212 4.31 -24.23 -27.22
N ASP B 213 3.97 -25.52 -27.26
CA ASP B 213 3.91 -26.28 -28.52
C ASP B 213 3.02 -25.60 -29.56
N ARG B 214 1.86 -25.12 -29.14
CA ARG B 214 0.87 -24.47 -29.99
C ARG B 214 1.32 -23.09 -30.45
N SER B 215 1.98 -22.33 -29.54
CA SER B 215 2.55 -21.03 -29.86
C SER B 215 3.55 -21.18 -31.01
N LEU B 216 4.40 -22.23 -30.90
CA LEU B 216 5.51 -22.46 -31.81
C LEU B 216 4.99 -22.82 -33.21
N LYS B 217 3.97 -23.68 -33.25
CA LYS B 217 3.30 -24.01 -34.51
C LYS B 217 2.68 -22.75 -35.12
N ALA B 218 2.08 -21.91 -34.29
CA ALA B 218 1.41 -20.73 -34.79
C ALA B 218 2.42 -19.71 -35.34
N LEU B 219 3.60 -19.58 -34.69
CA LEU B 219 4.66 -18.71 -35.20
C LEU B 219 5.16 -19.18 -36.59
N SER B 220 5.41 -20.50 -36.67
CA SER B 220 5.89 -21.19 -37.86
C SER B 220 4.89 -21.02 -39.01
N ALA B 221 3.59 -21.01 -38.66
CA ALA B 221 2.51 -20.99 -39.63
C ALA B 221 2.24 -19.58 -40.15
N LEU B 222 2.89 -18.56 -39.60
CA LEU B 222 2.60 -17.20 -40.03
C LEU B 222 2.90 -16.99 -41.52
N PRO B 223 2.14 -16.12 -42.22
CA PRO B 223 2.52 -15.69 -43.56
C PRO B 223 3.94 -15.13 -43.56
N LYS B 224 4.61 -15.31 -44.70
CA LYS B 224 6.02 -14.99 -44.87
C LYS B 224 6.34 -13.58 -44.39
N ALA B 225 5.51 -12.57 -44.71
CA ALA B 225 5.90 -11.20 -44.41
C ALA B 225 6.01 -11.03 -42.89
N LEU B 226 5.05 -11.63 -42.15
CA LEU B 226 4.96 -11.58 -40.70
C LEU B 226 5.98 -12.50 -40.03
N ARG B 227 6.13 -13.73 -40.54
CA ARG B 227 7.04 -14.71 -39.99
C ARG B 227 8.48 -14.20 -39.91
N ARG B 228 8.93 -13.50 -40.95
CA ARG B 228 10.24 -12.87 -40.98
C ARG B 228 10.40 -11.79 -39.92
N ARG B 229 9.31 -11.18 -39.46
CA ARG B 229 9.37 -10.08 -38.51
C ARG B 229 9.21 -10.57 -37.07
N THR B 230 8.78 -11.82 -36.86
CA THR B 230 8.30 -12.21 -35.54
C THR B 230 9.33 -13.11 -34.83
N ARG B 231 9.50 -12.83 -33.53
CA ARG B 231 10.29 -13.67 -32.63
C ARG B 231 9.41 -14.03 -31.43
N LEU B 232 9.80 -15.11 -30.74
CA LEU B 232 9.15 -15.52 -29.51
C LEU B 232 10.18 -15.69 -28.39
N ILE B 233 9.82 -15.21 -27.19
CA ILE B 233 10.58 -15.49 -25.98
C ILE B 233 9.65 -16.17 -24.99
N ALA B 234 10.05 -17.36 -24.53
CA ALA B 234 9.32 -18.06 -23.49
C ALA B 234 10.16 -17.94 -22.21
N ILE B 235 9.47 -17.66 -21.09
CA ILE B 235 10.13 -17.41 -19.82
C ILE B 235 9.51 -18.31 -18.77
N GLY B 236 10.31 -19.18 -18.17
CA GLY B 236 9.78 -20.06 -17.14
C GLY B 236 10.87 -20.90 -16.49
N GLN B 237 10.65 -21.18 -15.20
CA GLN B 237 11.48 -22.12 -14.46
C GLN B 237 11.01 -23.47 -14.92
N ASP B 238 11.50 -23.88 -16.09
CA ASP B 238 10.99 -25.05 -16.76
C ASP B 238 12.04 -25.50 -17.76
N ASP B 239 12.01 -26.78 -18.12
CA ASP B 239 13.07 -27.38 -18.93
C ASP B 239 12.84 -27.07 -20.41
N PRO B 240 13.82 -26.47 -21.13
CA PRO B 240 13.67 -26.19 -22.55
C PRO B 240 13.85 -27.36 -23.50
N LYS B 241 14.56 -28.42 -23.06
CA LYS B 241 15.11 -29.43 -23.96
C LYS B 241 13.99 -30.14 -24.72
N PRO B 242 12.87 -30.53 -24.07
CA PRO B 242 11.77 -31.15 -24.80
C PRO B 242 11.21 -30.39 -26.00
N PHE B 243 11.44 -29.06 -26.07
CA PHE B 243 10.92 -28.20 -27.13
C PHE B 243 11.96 -27.94 -28.22
N LEU B 244 13.19 -28.42 -28.02
CA LEU B 244 14.28 -27.97 -28.87
C LEU B 244 14.17 -28.64 -30.24
N LEU B 245 13.72 -29.90 -30.28
CA LEU B 245 13.52 -30.61 -31.53
C LEU B 245 12.43 -29.90 -32.35
N GLN B 246 11.29 -29.56 -31.70
CA GLN B 246 10.18 -28.93 -32.41
C GLN B 246 10.62 -27.60 -33.00
N ILE B 247 11.38 -26.80 -32.23
CA ILE B 247 11.89 -25.53 -32.73
C ILE B 247 12.77 -25.74 -33.97
N ALA B 248 13.66 -26.75 -33.92
CA ALA B 248 14.53 -27.12 -35.04
C ALA B 248 13.71 -27.57 -36.24
N ALA B 249 12.73 -28.45 -36.00
CA ALA B 249 11.94 -29.03 -37.08
C ALA B 249 11.11 -27.96 -37.79
N LEU B 250 10.72 -26.91 -37.05
CA LEU B 250 9.89 -25.87 -37.61
C LEU B 250 10.76 -24.80 -38.27
N GLY B 251 12.09 -24.89 -38.12
CA GLY B 251 13.02 -23.92 -38.68
C GLY B 251 13.09 -22.61 -37.89
N LEU B 252 12.86 -22.67 -36.57
CA LEU B 252 12.69 -21.47 -35.75
C LEU B 252 13.88 -21.25 -34.84
N ASN B 253 15.04 -21.92 -35.06
CA ASN B 253 16.16 -21.77 -34.16
C ASN B 253 16.59 -20.30 -34.02
N ASP B 254 16.46 -19.51 -35.10
CA ASP B 254 16.92 -18.13 -35.05
C ASP B 254 15.83 -17.20 -34.54
N GLN B 255 14.62 -17.71 -34.27
CA GLN B 255 13.49 -16.85 -33.93
C GLN B 255 12.91 -17.14 -32.54
N VAL B 256 13.44 -18.12 -31.79
CA VAL B 256 12.86 -18.51 -30.51
C VAL B 256 13.96 -18.55 -29.45
N GLN B 257 13.69 -17.93 -28.27
CA GLN B 257 14.53 -18.10 -27.10
C GLN B 257 13.66 -18.54 -25.93
N ILE B 258 14.21 -19.46 -25.13
CA ILE B 258 13.54 -19.95 -23.94
C ILE B 258 14.42 -19.58 -22.76
N LEU B 259 13.90 -18.74 -21.87
CA LEU B 259 14.68 -18.25 -20.75
C LEU B 259 14.18 -18.91 -19.49
N LYS B 260 15.10 -19.03 -18.53
CA LYS B 260 14.78 -19.50 -17.18
C LYS B 260 13.96 -18.41 -16.48
N GLY B 261 13.46 -18.73 -15.28
CA GLY B 261 12.73 -17.83 -14.40
C GLY B 261 13.45 -16.49 -14.22
N ARG B 262 12.71 -15.38 -14.32
CA ARG B 262 13.26 -14.04 -14.28
C ARG B 262 12.46 -13.20 -13.31
N SER B 263 13.12 -12.23 -12.70
CA SER B 263 12.43 -11.36 -11.77
C SER B 263 12.06 -10.04 -12.45
N ASP B 264 12.43 -9.87 -13.73
CA ASP B 264 12.17 -8.60 -14.40
C ASP B 264 11.08 -8.75 -15.47
N ILE B 265 10.01 -9.47 -15.14
CA ILE B 265 8.88 -9.70 -16.04
C ILE B 265 8.27 -8.40 -16.58
N PRO B 266 8.09 -7.33 -15.76
CA PRO B 266 7.47 -6.10 -16.26
C PRO B 266 8.16 -5.51 -17.50
N ARG B 267 9.50 -5.67 -17.58
CA ARG B 267 10.27 -5.21 -18.73
C ARG B 267 9.87 -5.96 -19.99
N PHE B 268 9.66 -7.27 -19.91
CA PHE B 268 9.21 -8.05 -21.04
C PHE B 268 7.81 -7.67 -21.47
N LEU B 269 6.94 -7.39 -20.51
CA LEU B 269 5.57 -7.06 -20.83
C LEU B 269 5.53 -5.73 -21.59
N LEU B 270 6.38 -4.77 -21.15
CA LEU B 270 6.44 -3.46 -21.76
C LEU B 270 7.14 -3.53 -23.12
N GLY B 271 8.05 -4.51 -23.30
CA GLY B 271 8.88 -4.55 -24.51
C GLY B 271 8.29 -5.41 -25.63
N ALA B 272 7.35 -6.28 -25.28
CA ALA B 272 6.79 -7.21 -26.25
C ALA B 272 5.68 -6.53 -27.03
N ASP B 273 5.15 -7.26 -28.01
CA ASP B 273 4.07 -6.80 -28.88
C ASP B 273 2.79 -7.61 -28.67
N LEU B 274 2.94 -8.87 -28.25
CA LEU B 274 1.79 -9.70 -27.90
C LEU B 274 2.19 -10.71 -26.83
N LEU B 275 1.31 -10.93 -25.84
CA LEU B 275 1.37 -12.11 -24.97
C LEU B 275 0.52 -13.23 -25.58
N ILE B 276 1.16 -14.38 -25.82
CA ILE B 276 0.49 -15.54 -26.36
C ILE B 276 0.41 -16.61 -25.26
N HIS B 277 -0.81 -17.11 -25.00
CA HIS B 277 -1.04 -18.02 -23.89
C HIS B 277 -2.11 -19.04 -24.30
N PRO B 278 -1.84 -19.90 -25.29
CA PRO B 278 -2.86 -20.85 -25.74
C PRO B 278 -2.88 -22.10 -24.86
N ALA B 279 -3.14 -21.90 -23.56
CA ALA B 279 -3.02 -22.95 -22.58
C ALA B 279 -4.08 -24.04 -22.81
N TYR B 280 -3.66 -25.28 -22.54
CA TYR B 280 -4.52 -26.44 -22.41
C TYR B 280 -5.44 -26.33 -21.19
N ASN B 281 -4.88 -25.90 -20.06
CA ASN B 281 -5.74 -25.58 -18.93
C ASN B 281 -4.98 -24.57 -18.08
N GLU B 282 -5.72 -23.80 -17.28
CA GLU B 282 -5.21 -22.67 -16.52
C GLU B 282 -6.29 -22.24 -15.54
N ASN B 283 -6.03 -22.46 -14.24
CA ASN B 283 -6.99 -22.07 -13.21
C ASN B 283 -7.36 -20.59 -13.36
N THR B 284 -6.37 -19.70 -13.42
CA THR B 284 -6.64 -18.27 -13.62
C THR B 284 -5.78 -17.77 -14.77
N GLY B 285 -4.48 -17.63 -14.51
CA GLY B 285 -3.52 -17.08 -15.44
C GLY B 285 -3.17 -15.62 -15.12
N THR B 286 -2.48 -15.42 -13.99
CA THR B 286 -2.04 -14.10 -13.56
C THR B 286 -1.36 -13.31 -14.69
N VAL B 287 -0.50 -13.93 -15.51
CA VAL B 287 0.18 -13.21 -16.59
C VAL B 287 -0.82 -12.56 -17.56
N LEU B 288 -2.05 -13.10 -17.67
CA LEU B 288 -3.05 -12.51 -18.55
C LEU B 288 -3.38 -11.08 -18.11
N LEU B 289 -3.56 -10.91 -16.81
CA LEU B 289 -3.88 -9.62 -16.23
C LEU B 289 -2.63 -8.75 -16.11
N GLU B 290 -1.45 -9.35 -15.89
CA GLU B 290 -0.22 -8.59 -15.91
C GLU B 290 -0.03 -7.93 -17.29
N ALA B 291 -0.32 -8.68 -18.36
CA ALA B 291 -0.17 -8.12 -19.71
C ALA B 291 -1.15 -6.96 -19.87
N LEU B 292 -2.37 -7.19 -19.41
CA LEU B 292 -3.42 -6.20 -19.54
C LEU B 292 -3.03 -4.90 -18.83
N VAL B 293 -2.50 -4.97 -17.60
CA VAL B 293 -2.17 -3.75 -16.86
C VAL B 293 -0.91 -3.09 -17.44
N SER B 294 -0.17 -3.83 -18.29
CA SER B 294 1.00 -3.30 -19.01
C SER B 294 0.64 -2.73 -20.38
N GLY B 295 -0.62 -2.84 -20.82
CA GLY B 295 -1.01 -2.46 -22.18
C GLY B 295 -0.48 -3.40 -23.25
N LEU B 296 -0.21 -4.66 -22.89
CA LEU B 296 0.26 -5.64 -23.85
C LEU B 296 -0.93 -6.48 -24.32
N PRO B 297 -1.29 -6.46 -25.61
CA PRO B 297 -2.41 -7.27 -26.10
C PRO B 297 -2.18 -8.77 -25.88
N VAL B 298 -3.26 -9.49 -25.55
CA VAL B 298 -3.19 -10.91 -25.23
C VAL B 298 -4.00 -11.72 -26.23
N LEU B 299 -3.44 -12.89 -26.58
CA LEU B 299 -4.09 -13.97 -27.29
C LEU B 299 -4.11 -15.15 -26.33
N VAL B 300 -5.30 -15.63 -25.99
CA VAL B 300 -5.44 -16.62 -24.93
C VAL B 300 -6.58 -17.59 -25.29
N THR B 301 -6.46 -18.84 -24.82
CA THR B 301 -7.57 -19.79 -24.91
C THR B 301 -8.66 -19.49 -23.88
N ASP B 302 -9.89 -19.80 -24.26
CA ASP B 302 -11.06 -19.50 -23.47
C ASP B 302 -11.08 -20.33 -22.18
N VAL B 303 -10.30 -21.43 -22.12
CA VAL B 303 -10.28 -22.30 -20.95
C VAL B 303 -9.66 -21.63 -19.71
N CYS B 304 -8.83 -20.60 -19.91
CA CYS B 304 -8.17 -19.88 -18.81
C CYS B 304 -9.19 -19.10 -17.99
N GLY B 305 -9.08 -19.23 -16.66
CA GLY B 305 -10.03 -18.63 -15.73
C GLY B 305 -10.07 -17.11 -15.85
N TYR B 306 -8.94 -16.48 -16.27
CA TYR B 306 -8.91 -15.03 -16.41
C TYR B 306 -9.10 -14.58 -17.87
N ALA B 307 -9.41 -15.47 -18.81
CA ALA B 307 -9.61 -15.06 -20.20
C ALA B 307 -10.74 -14.03 -20.33
N HIS B 308 -11.82 -14.24 -19.58
CA HIS B 308 -12.96 -13.33 -19.62
C HIS B 308 -12.53 -11.88 -19.42
N TYR B 309 -11.45 -11.61 -18.66
CA TYR B 309 -11.01 -10.24 -18.45
C TYR B 309 -10.52 -9.60 -19.74
N ILE B 310 -9.83 -10.39 -20.60
CA ILE B 310 -9.32 -9.92 -21.88
C ILE B 310 -10.51 -9.51 -22.79
N ALA B 311 -11.53 -10.37 -22.82
CA ALA B 311 -12.70 -10.13 -23.67
C ALA B 311 -13.46 -8.92 -23.16
N GLU B 312 -13.64 -8.85 -21.83
CA GLU B 312 -14.44 -7.79 -21.24
C GLU B 312 -13.73 -6.43 -21.37
N ALA B 313 -12.40 -6.39 -21.18
CA ALA B 313 -11.70 -5.12 -21.29
C ALA B 313 -11.41 -4.78 -22.75
N ASP B 314 -11.68 -5.73 -23.65
CA ASP B 314 -11.29 -5.66 -25.05
C ASP B 314 -9.79 -5.32 -25.20
N ALA B 315 -8.96 -6.18 -24.57
CA ALA B 315 -7.51 -6.00 -24.52
C ALA B 315 -6.81 -7.18 -25.19
N GLY B 316 -7.47 -7.79 -26.18
CA GLY B 316 -6.87 -8.87 -26.94
C GLY B 316 -7.98 -9.75 -27.50
N ARG B 317 -7.66 -11.00 -27.83
CA ARG B 317 -8.65 -11.94 -28.35
C ARG B 317 -8.56 -13.23 -27.55
N VAL B 318 -9.74 -13.82 -27.31
CA VAL B 318 -9.90 -15.12 -26.67
C VAL B 318 -10.27 -16.13 -27.76
N LEU B 319 -9.49 -17.20 -27.90
CA LEU B 319 -9.75 -18.23 -28.89
C LEU B 319 -10.75 -19.23 -28.30
N PRO B 320 -11.96 -19.38 -28.88
CA PRO B 320 -12.97 -20.29 -28.32
C PRO B 320 -12.64 -21.77 -28.46
N SER B 321 -13.13 -22.57 -27.52
CA SER B 321 -12.98 -24.02 -27.52
C SER B 321 -13.97 -24.65 -28.51
N PRO B 322 -13.77 -25.88 -29.04
CA PRO B 322 -12.57 -26.68 -28.84
C PRO B 322 -11.37 -26.09 -29.56
N PHE B 323 -10.16 -26.42 -29.07
CA PHE B 323 -8.94 -25.86 -29.62
C PHE B 323 -8.73 -26.40 -31.04
N GLU B 324 -8.42 -25.49 -31.99
CA GLU B 324 -8.00 -25.84 -33.34
C GLU B 324 -6.73 -25.07 -33.65
N GLN B 325 -5.63 -25.77 -33.95
CA GLN B 325 -4.37 -25.12 -34.33
C GLN B 325 -4.61 -24.11 -35.47
N ASP B 326 -5.44 -24.47 -36.47
CA ASP B 326 -5.62 -23.63 -37.64
C ASP B 326 -6.27 -22.31 -37.24
N SER B 327 -7.20 -22.35 -36.26
CA SER B 327 -7.80 -21.12 -35.75
C SER B 327 -6.77 -20.26 -34.99
N LEU B 328 -5.93 -20.90 -34.15
CA LEU B 328 -4.83 -20.20 -33.46
C LEU B 328 -3.92 -19.51 -34.48
N ASN B 329 -3.49 -20.28 -35.49
CA ASN B 329 -2.65 -19.78 -36.57
C ASN B 329 -3.23 -18.50 -37.18
N ARG B 330 -4.52 -18.56 -37.52
CA ARG B 330 -5.21 -17.47 -38.19
C ARG B 330 -5.35 -16.27 -37.25
N LEU B 331 -5.76 -16.51 -36.00
CA LEU B 331 -5.94 -15.41 -35.07
C LEU B 331 -4.62 -14.68 -34.82
N LEU B 332 -3.53 -15.42 -34.60
CA LEU B 332 -2.24 -14.78 -34.42
C LEU B 332 -1.91 -13.86 -35.61
N ALA B 333 -2.02 -14.39 -36.84
CA ALA B 333 -1.76 -13.63 -38.06
C ALA B 333 -2.62 -12.37 -38.10
N GLU B 334 -3.92 -12.53 -37.84
CA GLU B 334 -4.87 -11.43 -37.85
C GLU B 334 -4.53 -10.37 -36.80
N MET B 335 -4.10 -10.78 -35.59
CA MET B 335 -3.74 -9.81 -34.58
C MET B 335 -2.46 -9.06 -34.95
N LEU B 336 -1.48 -9.78 -35.51
CA LEU B 336 -0.18 -9.20 -35.86
C LEU B 336 -0.28 -8.26 -37.08
N GLU B 337 -1.11 -8.62 -38.08
CA GLU B 337 -1.37 -7.77 -39.26
C GLU B 337 -2.10 -6.48 -38.92
N ASP B 338 -2.82 -6.46 -37.79
CA ASP B 338 -3.68 -5.32 -37.50
C ASP B 338 -3.05 -4.47 -36.40
N ALA B 339 -2.18 -3.53 -36.81
CA ALA B 339 -1.51 -2.61 -35.91
C ALA B 339 -2.51 -1.70 -35.22
N PRO B 340 -3.50 -1.08 -35.92
CA PRO B 340 -4.51 -0.27 -35.21
C PRO B 340 -5.29 -1.02 -34.11
N ALA B 341 -5.70 -2.25 -34.40
CA ALA B 341 -6.36 -3.10 -33.41
C ALA B 341 -5.47 -3.35 -32.21
N ARG B 342 -4.16 -3.58 -32.43
CA ARG B 342 -3.23 -3.80 -31.33
C ARG B 342 -3.06 -2.54 -30.51
N ALA B 343 -2.99 -1.36 -31.17
CA ALA B 343 -2.94 -0.11 -30.43
C ALA B 343 -4.21 0.06 -29.59
N ALA B 344 -5.39 -0.30 -30.14
CA ALA B 344 -6.63 -0.16 -29.38
C ALA B 344 -6.64 -1.10 -28.16
N TRP B 345 -6.28 -2.38 -28.36
CA TRP B 345 -6.23 -3.36 -27.28
C TRP B 345 -5.35 -2.89 -26.13
N SER B 346 -4.24 -2.24 -26.50
N SER B 346 -4.24 -2.24 -26.49
CA SER B 346 -3.29 -1.70 -25.56
CA SER B 346 -3.29 -1.70 -25.51
C SER B 346 -3.91 -0.59 -24.71
C SER B 346 -3.93 -0.60 -24.69
N ARG B 347 -4.49 0.40 -25.39
CA ARG B 347 -5.20 1.49 -24.72
C ARG B 347 -6.29 0.95 -23.79
N ASN B 348 -7.05 -0.03 -24.29
CA ASN B 348 -8.19 -0.61 -23.56
C ASN B 348 -7.74 -1.27 -22.26
N GLY B 349 -6.64 -2.03 -22.32
CA GLY B 349 -6.08 -2.66 -21.13
C GLY B 349 -5.65 -1.65 -20.08
N LEU B 350 -4.91 -0.62 -20.52
CA LEU B 350 -4.44 0.42 -19.60
C LEU B 350 -5.62 1.13 -18.93
N ALA B 351 -6.69 1.44 -19.69
CA ALA B 351 -7.84 2.16 -19.15
C ALA B 351 -8.60 1.26 -18.17
N TYR B 352 -8.82 0.01 -18.60
CA TYR B 352 -9.40 -1.00 -17.71
C TYR B 352 -8.64 -1.11 -16.37
N ALA B 353 -7.30 -1.18 -16.44
CA ALA B 353 -6.42 -1.34 -15.28
C ALA B 353 -6.59 -0.21 -14.26
N ASP B 354 -6.93 0.96 -14.78
CA ASP B 354 -7.02 2.17 -13.96
C ASP B 354 -8.36 2.23 -13.22
N HIS B 355 -9.32 1.37 -13.55
CA HIS B 355 -10.62 1.41 -12.87
C HIS B 355 -10.94 0.12 -12.12
N ALA B 356 -10.48 -1.04 -12.60
CA ALA B 356 -10.91 -2.31 -12.02
C ALA B 356 -10.08 -2.64 -10.79
N ASP B 357 -10.70 -3.32 -9.82
CA ASP B 357 -9.97 -3.85 -8.68
C ASP B 357 -9.26 -5.14 -9.06
N LEU B 358 -7.97 -5.05 -9.43
CA LEU B 358 -7.18 -6.20 -9.85
C LEU B 358 -6.05 -6.50 -8.84
N TYR B 359 -6.03 -5.77 -7.72
CA TYR B 359 -4.84 -5.61 -6.89
C TYR B 359 -5.04 -6.08 -5.44
N SER B 360 -6.28 -6.07 -4.93
CA SER B 360 -6.51 -6.03 -3.49
C SER B 360 -6.53 -7.43 -2.85
N MET B 361 -6.25 -8.48 -3.63
CA MET B 361 -6.38 -9.85 -3.12
C MET B 361 -5.71 -10.01 -1.76
N PRO B 362 -4.44 -9.62 -1.56
CA PRO B 362 -3.77 -9.98 -0.32
C PRO B 362 -4.48 -9.43 0.93
N GLN B 363 -5.02 -8.20 0.84
CA GLN B 363 -5.70 -7.55 1.96
C GLN B 363 -7.05 -8.24 2.22
N ARG B 364 -7.77 -8.62 1.15
CA ARG B 364 -9.05 -9.34 1.29
C ARG B 364 -8.81 -10.74 1.85
N ALA B 365 -7.74 -11.44 1.42
CA ALA B 365 -7.43 -12.76 1.98
C ALA B 365 -7.04 -12.66 3.45
N ALA B 366 -6.18 -11.69 3.81
CA ALA B 366 -5.82 -11.48 5.21
C ALA B 366 -7.05 -11.18 6.08
N ASP B 367 -7.96 -10.33 5.60
CA ASP B 367 -9.24 -10.06 6.26
C ASP B 367 -9.93 -11.37 6.65
N LEU B 368 -10.09 -12.27 5.66
CA LEU B 368 -10.79 -13.52 5.82
C LEU B 368 -10.02 -14.47 6.71
N ILE B 369 -8.69 -14.56 6.57
CA ILE B 369 -7.88 -15.45 7.40
C ILE B 369 -7.93 -15.04 8.87
N LEU B 370 -7.95 -13.73 9.14
CA LEU B 370 -7.84 -13.22 10.51
C LEU B 370 -9.17 -12.83 11.13
N GLY B 371 -10.28 -12.80 10.39
CA GLY B 371 -11.52 -12.30 10.95
C GLY B 371 -11.46 -10.80 11.26
N1 GDU C . -1.06 11.20 15.04
C2 GDU C . -1.24 9.83 15.07
N3 GDU C . -0.90 9.23 16.25
C4 GDU C . -0.40 9.85 17.39
C5 GDU C . -0.27 11.27 17.28
C6 GDU C . -0.60 11.89 16.14
O2 GDU C . -1.65 9.21 14.10
O4 GDU C . -0.19 9.17 18.40
C1D GDU C . -1.44 11.88 13.79
C2D GDU C . -2.69 12.77 13.94
O2D GDU C . -3.90 12.04 13.95
C3D GDU C . -2.49 13.67 12.73
C4D GDU C . -0.96 13.92 12.76
O4D GDU C . -0.40 12.75 13.41
O3D GDU C . -2.97 13.03 11.55
C5D GDU C . -0.46 15.13 13.49
O5D GDU C . -0.53 16.29 12.65
PA GDU C . -0.71 17.76 13.29
O1A GDU C . -0.70 18.78 12.23
O2A GDU C . -1.85 17.78 14.26
O3A GDU C . 0.59 17.87 14.21
PB GDU C . 2.17 17.70 13.90
O1B GDU C . 2.81 18.61 14.87
O2B GDU C . 2.56 16.24 14.08
O3B GDU C . 2.30 18.15 12.37
C1' GDU C . 3.12 19.08 11.61
C2' GDU C . 2.98 20.55 12.05
C3' GDU C . 1.54 20.98 11.75
C4' GDU C . 1.19 20.80 10.26
C5' GDU C . 1.39 19.33 9.93
C6' GDU C . 1.01 18.93 8.50
O2' GDU C . 3.39 20.77 13.41
O3' GDU C . 1.34 22.32 12.21
O4' GDU C . 1.94 21.66 9.35
O5' GDU C . 2.81 19.03 10.21
O6' GDU C . 2.13 18.78 7.61
C1 GOL D . -3.73 18.92 6.25
O1 GOL D . -4.49 17.90 6.88
C2 GOL D . -2.45 18.38 5.64
O2 GOL D . -2.65 17.00 5.31
C3 GOL D . -1.93 19.16 4.44
O3 GOL D . -2.84 20.12 3.88
N1 GDU E . 6.59 -15.11 -13.03
C2 GDU E . 7.78 -14.49 -12.72
N3 GDU E . 8.88 -14.94 -13.42
C4 GDU E . 8.89 -15.96 -14.37
C5 GDU E . 7.62 -16.57 -14.60
C6 GDU E . 6.54 -16.13 -13.95
O2 GDU E . 7.88 -13.57 -11.92
O4 GDU E . 9.94 -16.24 -14.97
C1D GDU E . 5.37 -14.68 -12.34
C2D GDU E . 4.33 -14.03 -13.27
O2D GDU E . 4.69 -12.69 -13.57
C3D GDU E . 3.08 -14.21 -12.42
C4D GDU E . 3.29 -15.64 -11.87
O4D GDU E . 4.73 -15.81 -11.80
O3D GDU E . 3.01 -13.21 -11.41
C5D GDU E . 2.74 -16.78 -12.69
O5D GDU E . 1.35 -16.91 -12.38
PA GDU E . 0.30 -17.56 -13.44
O1A GDU E . -1.05 -17.55 -12.82
O2A GDU E . 0.46 -16.90 -14.78
O3A GDU E . 0.89 -19.04 -13.65
PB GDU E . 1.25 -20.23 -12.63
O1B GDU E . 1.01 -21.42 -13.48
O2B GDU E . 2.69 -20.01 -12.18
O3B GDU E . 0.16 -19.91 -11.50
C1' GDU E . -0.72 -20.77 -10.71
C2' GDU E . -1.90 -21.36 -11.53
C3' GDU E . -2.72 -20.18 -12.05
C4' GDU E . -3.31 -19.40 -10.86
C5' GDU E . -2.12 -18.91 -10.02
C6' GDU E . -2.50 -18.08 -8.80
O2' GDU E . -1.46 -22.31 -12.52
O3' GDU E . -3.73 -20.58 -12.98
O4' GDU E . -4.29 -20.16 -10.07
O5' GDU E . -1.30 -20.07 -9.62
O6' GDU E . -2.61 -18.87 -7.59
#